data_6AJH
#
_entry.id   6AJH
#
_cell.length_a   86.967
_cell.length_b   141.167
_cell.length_c   144.214
_cell.angle_alpha   90.000
_cell.angle_beta   90.000
_cell.angle_gamma   90.000
#
_symmetry.space_group_name_H-M   'P 21 21 21'
#
loop_
_entity.id
_entity.type
_entity.pdbx_description
1 polymer 'Drug exporters of the RND superfamily-like protein,Endolysin'
2 non-polymer 1-(2-adamantyl)-3-[2,3,4-tris(fluoranyl)phenyl]urea
3 non-polymer 'alpha-D-glucopyranosyl 6-O-dodecyl-alpha-D-glucopyranoside'
4 non-polymer '(CARBAMOYLMETHYL-CARBOXYMETHYL-AMINO)-ACETIC ACID'
#
_entity_poly.entity_id   1
_entity_poly.type   'polypeptide(L)'
_entity_poly.pdbx_seq_one_letter_code
;MPEVVGSYFQSNAMFAWWGRTVYQFRYIVIGVMVALCLGGGVYGISLGNHVTQSGFYDEGSQSVAASLIGDEVYGRDRTS
HVVAILTPPDDKKVTDKAWQKKVTEELDQVVKDHEDQIVGWVGWLKAPDTTDPTVSAMKTQDLRHTFISIPLQGDDDDEI
LKNYQVVEPELQQVNGGDIRLAGLNPLASELTGTIGEDQKRAEVAAIPLVAVVLFFVFGTVIAAALPAIIGGLAIAGALG
IMRLVAEFTPVHFFAQPVVTLIGLGIAIDYGLFIVSRFREEIAEGYDTEAAVRRTVMTSGRTVVFSAVIIVASSVPLLLF
PQGFLKSITYAIIASVMLAAILSITVLAAALAILGPRVDALGVTTLLKIPFLANWQFSRRIIDWFAEKTQKTKTREEVER
GFWGRLVNVVMKRPIAFAAPILVVMVLLIIPLGQLSLGGISEKYLPPDNAVRQSQEQFDKLFPGFRTEPLTLVMKREDGE
PITDAQIADMRAKALTVSGFTDPDNDPEKMWKERPANDSGSKDPSVRVIQNGLENRNDAAKKIDELRALQPPHGIEVFVG
GTPALEQDSIHSLFDKLPLMALILIVTTTVLMFLAFGSVVLPIKAALMSALTLGSTMGILTWMFVDGHGSGLMNYTPQPL
MAPMIGLIIAVIWGLSTDYEVFLVSRMVEARERGMSTAEAIRIGTATTGRLITGAALILAVVAGAFVFSDLVMMKYLAFG
LLIALLLDATIIRMFLVPAVMKLLGDDCWWAPRWMKRVQEKEFNIFEMLRIDEGLRLKIYKDTEGYYTIGIGHLLTKSPS
LNAAKSELDKAIGRNTNGVITKDEAEKLFNQDVDAAVRGILRNAKLKPVYDSLDAVRRAALINMVFQMGETGVAGFTNSL
RMLQQKRWDEAAVNLAKSRWYNQTPNRAKRVITTFRTGTWDAYEFHLGGIKAFHHHHHHHHHH
;
_entity_poly.pdbx_strand_id   A
#
loop_
_chem_comp.id
_chem_comp.type
_chem_comp.name
_chem_comp.formula
9ZF non-polymer 1-(2-adamantyl)-3-[2,3,4-tris(fluoranyl)phenyl]urea 'C17 H19 F3 N2 O'
L6T saccharide 'alpha-D-glucopyranosyl 6-O-dodecyl-alpha-D-glucopyranoside' 'C24 H46 O11'
MHA non-polymer '(CARBAMOYLMETHYL-CARBOXYMETHYL-AMINO)-ACETIC ACID' 'C6 H10 N2 O5'
#
# COMPACT_ATOMS: atom_id res chain seq x y z
N PHE A 9 6.64 -21.35 -12.74
CA PHE A 9 6.62 -20.49 -13.94
C PHE A 9 6.80 -19.02 -13.57
N GLN A 10 7.70 -18.36 -14.28
CA GLN A 10 7.96 -16.94 -14.08
C GLN A 10 8.67 -16.34 -15.28
N SER A 11 8.74 -15.02 -15.32
CA SER A 11 9.39 -14.29 -16.40
C SER A 11 10.27 -13.18 -15.83
N ASN A 12 11.58 -13.36 -15.91
CA ASN A 12 12.52 -12.29 -15.59
C ASN A 12 13.11 -11.72 -16.87
N ALA A 13 12.83 -12.40 -17.98
CA ALA A 13 13.11 -11.89 -19.31
C ALA A 13 12.44 -10.54 -19.48
N MET A 14 11.27 -10.40 -18.85
CA MET A 14 10.54 -9.14 -18.83
C MET A 14 11.33 -8.07 -18.08
N PHE A 15 11.83 -8.42 -16.90
CA PHE A 15 12.58 -7.47 -16.08
C PHE A 15 13.99 -7.25 -16.61
N ALA A 16 14.59 -8.30 -17.17
CA ALA A 16 15.88 -8.17 -17.81
C ALA A 16 15.77 -7.25 -19.02
N TRP A 17 14.63 -7.33 -19.70
CA TRP A 17 14.36 -6.46 -20.84
C TRP A 17 14.18 -5.02 -20.39
N TRP A 18 13.35 -4.82 -19.37
CA TRP A 18 13.09 -3.46 -18.90
C TRP A 18 14.33 -2.85 -18.25
N GLY A 19 15.06 -3.66 -17.49
CA GLY A 19 16.29 -3.22 -16.86
C GLY A 19 17.29 -2.68 -17.87
N ARG A 20 17.27 -3.26 -19.06
CA ARG A 20 18.11 -2.81 -20.16
C ARG A 20 17.48 -1.61 -20.87
N THR A 21 16.19 -1.71 -21.12
CA THR A 21 15.45 -0.67 -21.85
C THR A 21 15.42 0.66 -21.11
N VAL A 22 15.27 0.60 -19.79
CA VAL A 22 15.13 1.81 -18.98
C VAL A 22 16.44 2.61 -18.94
N TYR A 23 17.57 1.93 -19.07
CA TYR A 23 18.86 2.61 -19.12
C TYR A 23 19.01 3.30 -20.47
N GLN A 24 18.53 2.63 -21.52
CA GLN A 24 18.67 3.10 -22.88
C GLN A 24 17.88 4.39 -23.12
N PHE A 25 16.68 4.46 -22.56
CA PHE A 25 15.82 5.63 -22.76
C PHE A 25 15.60 6.38 -21.45
N ARG A 26 16.65 6.50 -20.65
CA ARG A 26 16.56 7.08 -19.31
C ARG A 26 16.12 8.55 -19.32
N TYR A 27 16.39 9.25 -20.42
CA TYR A 27 16.01 10.65 -20.53
C TYR A 27 14.54 10.80 -20.88
N ILE A 28 14.08 10.02 -21.84
CA ILE A 28 12.67 10.01 -22.22
C ILE A 28 11.82 9.56 -21.03
N VAL A 29 12.26 8.51 -20.36
CA VAL A 29 11.55 7.96 -19.21
C VAL A 29 11.40 8.98 -18.08
N ILE A 30 12.51 9.61 -17.70
CA ILE A 30 12.50 10.54 -16.58
C ILE A 30 11.74 11.83 -16.93
N GLY A 31 11.61 12.11 -18.22
CA GLY A 31 10.88 13.29 -18.67
C GLY A 31 9.38 13.05 -18.68
N VAL A 32 8.98 11.94 -19.28
CA VAL A 32 7.56 11.60 -19.43
C VAL A 32 6.86 11.42 -18.09
N MET A 33 7.42 10.57 -17.24
CA MET A 33 6.78 10.22 -15.97
C MET A 33 6.67 11.41 -15.02
N VAL A 34 7.72 12.22 -14.96
CA VAL A 34 7.71 13.42 -14.12
C VAL A 34 6.64 14.39 -14.60
N ALA A 35 6.48 14.47 -15.92
CA ALA A 35 5.45 15.32 -16.53
C ALA A 35 4.06 14.88 -16.08
N LEU A 36 3.83 13.56 -16.05
CA LEU A 36 2.54 13.03 -15.64
C LEU A 36 2.31 13.21 -14.14
N CYS A 37 3.33 12.89 -13.35
CA CYS A 37 3.23 12.98 -11.90
C CYS A 37 2.98 14.41 -11.43
N LEU A 38 3.70 15.35 -12.03
CA LEU A 38 3.48 16.76 -11.73
C LEU A 38 2.21 17.26 -12.39
N GLY A 39 1.89 16.70 -13.55
CA GLY A 39 0.66 17.02 -14.24
C GLY A 39 -0.55 16.54 -13.46
N GLY A 40 -0.51 15.29 -13.04
CA GLY A 40 -1.55 14.73 -12.21
C GLY A 40 -1.59 15.41 -10.86
N GLY A 41 -0.43 15.83 -10.38
CA GLY A 41 -0.33 16.54 -9.12
C GLY A 41 -1.06 17.86 -9.17
N VAL A 42 -0.97 18.55 -10.30
CA VAL A 42 -1.69 19.80 -10.52
C VAL A 42 -3.18 19.52 -10.68
N TYR A 43 -3.49 18.40 -11.34
CA TYR A 43 -4.88 18.00 -11.54
C TYR A 43 -5.48 17.46 -10.25
N GLY A 44 -4.62 16.95 -9.36
CA GLY A 44 -5.08 16.27 -8.16
C GLY A 44 -5.15 17.09 -6.88
N ILE A 45 -4.94 18.40 -6.98
CA ILE A 45 -5.08 19.25 -5.80
C ILE A 45 -6.54 19.70 -5.66
N SER A 46 -7.31 19.51 -6.72
CA SER A 46 -8.74 19.83 -6.71
C SER A 46 -9.55 18.66 -6.15
N LEU A 47 -8.83 17.62 -5.70
CA LEU A 47 -9.47 16.42 -5.16
C LEU A 47 -10.32 16.71 -3.95
N GLY A 48 -9.88 17.65 -3.11
CA GLY A 48 -10.59 18.00 -1.90
C GLY A 48 -11.98 18.54 -2.14
N ASN A 49 -12.23 19.00 -3.36
CA ASN A 49 -13.53 19.57 -3.73
C ASN A 49 -14.47 18.55 -4.36
N HIS A 50 -13.96 17.35 -4.64
CA HIS A 50 -14.76 16.34 -5.32
C HIS A 50 -14.82 15.04 -4.54
N VAL A 51 -14.61 15.11 -3.23
CA VAL A 51 -14.73 13.96 -2.37
C VAL A 51 -16.08 13.98 -1.64
N THR A 52 -16.53 12.80 -1.21
CA THR A 52 -17.84 12.69 -0.57
C THR A 52 -17.71 12.26 0.90
N GLN A 53 -18.75 12.56 1.68
CA GLN A 53 -18.79 12.13 3.07
C GLN A 53 -19.74 10.94 3.21
N SER A 54 -20.39 10.60 2.10
CA SER A 54 -21.31 9.47 2.08
C SER A 54 -20.60 8.18 1.68
N GLY A 55 -21.09 7.06 2.17
CA GLY A 55 -20.51 5.77 1.85
C GLY A 55 -20.36 4.89 3.07
N PHE A 56 -20.98 5.29 4.17
CA PHE A 56 -20.89 4.53 5.41
C PHE A 56 -22.02 3.51 5.53
N TYR A 57 -23.01 3.60 4.65
CA TYR A 57 -24.16 2.72 4.70
C TYR A 57 -24.15 1.69 3.57
N ASP A 58 -25.05 0.71 3.68
CA ASP A 58 -25.28 -0.27 2.62
C ASP A 58 -26.39 0.26 1.72
N GLU A 59 -26.02 0.83 0.57
CA GLU A 59 -27.00 1.47 -0.31
C GLU A 59 -27.92 0.48 -1.01
N GLY A 60 -27.80 -0.80 -0.68
CA GLY A 60 -28.68 -1.82 -1.20
C GLY A 60 -29.60 -2.36 -0.12
N SER A 61 -29.45 -1.83 1.10
CA SER A 61 -30.21 -2.31 2.25
C SER A 61 -31.64 -1.78 2.25
N GLN A 62 -32.45 -2.31 3.16
CA GLN A 62 -33.85 -1.94 3.28
C GLN A 62 -34.02 -0.56 3.92
N SER A 63 -33.10 -0.22 4.82
CA SER A 63 -33.16 1.06 5.52
C SER A 63 -32.84 2.24 4.59
N VAL A 64 -31.91 2.03 3.68
CA VAL A 64 -31.59 3.05 2.68
C VAL A 64 -32.77 3.23 1.74
N ALA A 65 -33.37 2.12 1.34
CA ALA A 65 -34.58 2.15 0.51
C ALA A 65 -35.67 2.94 1.21
N ALA A 66 -35.80 2.74 2.51
CA ALA A 66 -36.77 3.46 3.32
C ALA A 66 -36.46 4.95 3.33
N SER A 67 -35.18 5.28 3.36
CA SER A 67 -34.73 6.67 3.42
C SER A 67 -35.01 7.43 2.13
N LEU A 68 -34.66 6.81 1.00
CA LEU A 68 -34.87 7.42 -0.30
C LEU A 68 -36.34 7.68 -0.57
N ILE A 69 -37.18 6.70 -0.24
CA ILE A 69 -38.63 6.84 -0.39
C ILE A 69 -39.16 7.95 0.50
N GLY A 70 -38.67 7.99 1.74
CA GLY A 70 -39.10 8.99 2.71
C GLY A 70 -38.77 10.40 2.29
N ASP A 71 -37.55 10.62 1.83
CA ASP A 71 -37.11 11.94 1.41
C ASP A 71 -37.82 12.40 0.13
N GLU A 72 -38.16 11.43 -0.73
CA GLU A 72 -38.84 11.75 -1.98
C GLU A 72 -40.24 12.28 -1.73
N VAL A 73 -41.00 11.59 -0.90
CA VAL A 73 -42.41 11.88 -0.68
C VAL A 73 -42.63 12.98 0.35
N TYR A 74 -41.91 12.92 1.47
CA TYR A 74 -42.12 13.85 2.56
C TYR A 74 -41.14 15.03 2.55
N GLY A 75 -40.05 14.89 1.81
CA GLY A 75 -39.00 15.88 1.82
C GLY A 75 -37.96 15.51 2.85
N ARG A 76 -36.69 15.78 2.54
CA ARG A 76 -35.62 15.41 3.46
C ARG A 76 -35.63 16.32 4.69
N ASP A 77 -35.20 15.77 5.83
CA ASP A 77 -35.20 16.50 7.09
C ASP A 77 -34.06 17.51 7.12
N ARG A 78 -34.41 18.80 7.19
CA ARG A 78 -33.41 19.87 7.18
C ARG A 78 -33.37 20.60 8.51
N THR A 79 -34.07 20.06 9.51
CA THR A 79 -34.18 20.70 10.81
C THR A 79 -32.92 20.52 11.66
N SER A 80 -32.08 19.56 11.26
CA SER A 80 -30.87 19.25 12.02
C SER A 80 -29.62 19.74 11.30
N HIS A 81 -29.80 20.50 10.22
CA HIS A 81 -28.68 21.02 9.45
C HIS A 81 -27.82 21.94 10.31
N VAL A 82 -28.40 23.06 10.73
CA VAL A 82 -27.72 23.98 11.62
C VAL A 82 -28.57 24.31 12.84
N VAL A 83 -28.06 23.98 14.01
CA VAL A 83 -28.67 24.40 15.26
C VAL A 83 -27.75 25.46 15.88
N ALA A 84 -28.34 26.56 16.34
CA ALA A 84 -27.54 27.69 16.81
C ALA A 84 -28.02 28.21 18.15
N ILE A 85 -27.22 28.01 19.19
CA ILE A 85 -27.53 28.50 20.52
C ILE A 85 -27.18 29.97 20.68
N LEU A 86 -28.18 30.81 20.93
CA LEU A 86 -27.96 32.23 21.14
C LEU A 86 -28.07 32.58 22.62
N THR A 87 -27.15 33.41 23.09
CA THR A 87 -27.12 33.81 24.51
C THR A 87 -26.88 35.30 24.65
N PRO A 88 -27.80 36.01 25.31
CA PRO A 88 -27.67 37.46 25.50
C PRO A 88 -26.46 37.81 26.36
N PRO A 89 -25.81 38.94 26.05
CA PRO A 89 -24.66 39.39 26.84
C PRO A 89 -25.09 40.04 28.15
N ASP A 90 -24.15 40.26 29.06
CA ASP A 90 -24.40 41.00 30.30
C ASP A 90 -25.54 40.42 31.14
N ASP A 91 -25.61 39.10 31.24
CA ASP A 91 -26.61 38.41 32.05
C ASP A 91 -28.05 38.80 31.71
N LYS A 92 -28.27 39.31 30.51
CA LYS A 92 -29.61 39.71 30.10
C LYS A 92 -30.45 38.47 29.80
N LYS A 93 -31.75 38.59 30.02
CA LYS A 93 -32.67 37.51 29.70
C LYS A 93 -33.01 37.55 28.21
N VAL A 94 -33.40 36.41 27.65
CA VAL A 94 -33.68 36.33 26.22
C VAL A 94 -34.96 37.07 25.85
N THR A 95 -35.68 37.54 26.87
CA THR A 95 -36.91 38.28 26.65
C THR A 95 -36.63 39.73 26.28
N ASP A 96 -35.35 40.14 26.37
CA ASP A 96 -34.96 41.50 26.08
C ASP A 96 -35.28 41.85 24.63
N LYS A 97 -36.23 42.76 24.46
CA LYS A 97 -36.76 43.11 23.14
C LYS A 97 -35.76 43.85 22.26
N ALA A 98 -34.83 44.57 22.87
CA ALA A 98 -33.82 45.30 22.12
C ALA A 98 -32.80 44.31 21.55
N TRP A 99 -32.37 43.39 22.40
CA TRP A 99 -31.48 42.32 22.01
C TRP A 99 -32.15 41.41 20.97
N GLN A 100 -33.46 41.21 21.15
CA GLN A 100 -34.24 40.40 20.20
C GLN A 100 -34.25 41.04 18.82
N LYS A 101 -34.50 42.34 18.77
CA LYS A 101 -34.58 43.06 17.50
C LYS A 101 -33.21 43.09 16.81
N LYS A 102 -32.16 43.29 17.59
CA LYS A 102 -30.81 43.36 17.04
C LYS A 102 -30.40 42.03 16.41
N VAL A 103 -30.62 40.94 17.13
CA VAL A 103 -30.25 39.61 16.67
C VAL A 103 -31.14 39.15 15.50
N THR A 104 -32.43 39.43 15.60
CA THR A 104 -33.38 39.08 14.54
C THR A 104 -32.96 39.73 13.22
N GLU A 105 -32.58 41.00 13.29
CA GLU A 105 -32.10 41.72 12.10
C GLU A 105 -30.79 41.15 11.59
N GLU A 106 -29.90 40.77 12.51
CA GLU A 106 -28.63 40.15 12.15
C GLU A 106 -28.86 38.83 11.41
N LEU A 107 -29.81 38.05 11.90
CA LEU A 107 -30.14 36.76 11.30
C LEU A 107 -30.80 36.93 9.94
N ASP A 108 -31.70 37.90 9.85
CA ASP A 108 -32.38 38.18 8.59
C ASP A 108 -31.41 38.68 7.53
N GLN A 109 -30.33 39.35 7.96
CA GLN A 109 -29.30 39.82 7.04
C GLN A 109 -28.53 38.67 6.43
N VAL A 110 -28.12 37.73 7.27
CA VAL A 110 -27.34 36.58 6.84
C VAL A 110 -28.13 35.72 5.85
N VAL A 111 -29.44 35.62 6.08
CA VAL A 111 -30.31 34.81 5.22
C VAL A 111 -30.49 35.45 3.84
N LYS A 112 -30.71 36.75 3.80
CA LYS A 112 -30.94 37.43 2.52
C LYS A 112 -29.64 37.67 1.75
N ASP A 113 -28.50 37.54 2.43
CA ASP A 113 -27.21 37.64 1.76
C ASP A 113 -26.80 36.28 1.20
N HIS A 114 -27.49 35.23 1.62
CA HIS A 114 -27.14 33.87 1.23
C HIS A 114 -28.37 33.01 0.94
N GLU A 115 -29.27 33.48 0.09
CA GLU A 115 -30.50 32.76 -0.18
C GLU A 115 -30.29 31.51 -1.03
N ASP A 116 -29.16 31.43 -1.72
CA ASP A 116 -28.83 30.25 -2.50
C ASP A 116 -28.43 29.08 -1.60
N GLN A 117 -28.02 29.40 -0.38
CA GLN A 117 -27.51 28.40 0.55
C GLN A 117 -28.46 28.14 1.71
N ILE A 118 -29.11 29.19 2.19
CA ILE A 118 -29.98 29.08 3.36
C ILE A 118 -31.46 29.10 2.98
N VAL A 119 -32.21 28.12 3.49
CA VAL A 119 -33.65 28.08 3.30
C VAL A 119 -34.33 29.16 4.15
N GLY A 120 -33.82 29.34 5.36
CA GLY A 120 -34.34 30.31 6.29
C GLY A 120 -33.95 29.90 7.70
N TRP A 121 -34.35 30.68 8.69
CA TRP A 121 -34.08 30.31 10.08
C TRP A 121 -35.39 30.19 10.87
N VAL A 122 -35.44 29.16 11.72
CA VAL A 122 -36.66 28.83 12.45
C VAL A 122 -36.37 28.74 13.95
N GLY A 123 -37.27 29.26 14.77
CA GLY A 123 -37.12 29.16 16.20
C GLY A 123 -38.08 30.00 17.02
N TRP A 124 -37.99 29.87 18.33
CA TRP A 124 -38.80 30.65 19.27
C TRP A 124 -38.55 32.14 19.10
N LEU A 125 -37.33 32.48 18.69
CA LEU A 125 -36.91 33.86 18.54
C LEU A 125 -37.70 34.58 17.45
N LYS A 126 -38.26 33.80 16.53
CA LYS A 126 -39.00 34.38 15.40
C LYS A 126 -40.42 34.74 15.79
N ALA A 127 -41.03 33.93 16.65
CA ALA A 127 -42.37 34.20 17.16
C ALA A 127 -42.41 34.03 18.67
N PRO A 128 -41.86 35.01 19.41
CA PRO A 128 -41.75 34.95 20.87
C PRO A 128 -43.09 34.87 21.57
N ASP A 129 -44.12 35.47 20.96
CA ASP A 129 -45.47 35.35 21.48
C ASP A 129 -46.17 34.16 20.85
N THR A 130 -46.00 32.99 21.47
CA THR A 130 -46.57 31.75 20.95
C THR A 130 -46.99 30.83 22.10
N THR A 131 -47.88 29.90 21.80
CA THR A 131 -48.35 28.94 22.79
C THR A 131 -48.00 27.52 22.38
N ASP A 132 -47.41 27.38 21.20
CA ASP A 132 -46.89 26.10 20.74
C ASP A 132 -45.82 25.63 21.73
N PRO A 133 -46.11 24.52 22.45
CA PRO A 133 -45.24 24.03 23.52
C PRO A 133 -43.82 23.70 23.05
N THR A 134 -43.69 23.08 21.89
CA THR A 134 -42.37 22.72 21.37
C THR A 134 -41.53 23.94 21.03
N VAL A 135 -42.17 24.95 20.45
CA VAL A 135 -41.49 26.20 20.13
C VAL A 135 -41.13 26.95 21.41
N SER A 136 -41.98 26.81 22.42
CA SER A 136 -41.72 27.42 23.73
C SER A 136 -40.60 26.69 24.47
N ALA A 137 -40.23 25.52 23.96
CA ALA A 137 -39.17 24.74 24.57
C ALA A 137 -37.81 25.06 23.96
N MET A 138 -37.80 25.89 22.92
CA MET A 138 -36.57 26.30 22.26
C MET A 138 -35.84 27.35 23.10
N LYS A 139 -36.40 27.67 24.26
CA LYS A 139 -35.76 28.52 25.24
C LYS A 139 -35.67 27.80 26.58
N THR A 140 -34.59 28.02 27.30
CA THR A 140 -34.45 27.45 28.64
C THR A 140 -35.39 28.17 29.60
N GLN A 141 -35.66 27.54 30.74
CA GLN A 141 -36.63 28.09 31.69
C GLN A 141 -36.07 29.28 32.46
N ASP A 142 -34.74 29.37 32.56
CA ASP A 142 -34.11 30.48 33.24
C ASP A 142 -33.94 31.69 32.32
N LEU A 143 -34.39 31.52 31.08
CA LEU A 143 -34.39 32.58 30.07
C LEU A 143 -33.01 33.17 29.82
N ARG A 144 -32.00 32.31 29.72
CA ARG A 144 -30.65 32.76 29.42
C ARG A 144 -30.17 32.21 28.08
N HIS A 145 -30.91 31.25 27.53
CA HIS A 145 -30.53 30.62 26.28
C HIS A 145 -31.73 30.35 25.39
N THR A 146 -31.48 30.39 24.08
CA THR A 146 -32.48 30.01 23.08
C THR A 146 -31.77 29.60 21.79
N PHE A 147 -32.26 28.56 21.14
CA PHE A 147 -31.62 28.09 19.91
C PHE A 147 -32.53 28.24 18.70
N ILE A 148 -31.92 28.35 17.54
CA ILE A 148 -32.65 28.42 16.27
C ILE A 148 -32.21 27.30 15.34
N SER A 149 -33.12 26.88 14.47
CA SER A 149 -32.79 25.92 13.43
C SER A 149 -32.59 26.67 12.11
N ILE A 150 -31.51 26.35 11.40
CA ILE A 150 -31.21 27.03 10.15
C ILE A 150 -31.08 26.03 8.99
N PRO A 151 -32.22 25.60 8.43
CA PRO A 151 -32.24 24.70 7.28
C PRO A 151 -31.50 25.27 6.07
N LEU A 152 -30.80 24.41 5.35
CA LEU A 152 -29.98 24.85 4.22
C LEU A 152 -30.44 24.25 2.90
N GLN A 153 -30.18 24.97 1.81
CA GLN A 153 -30.46 24.48 0.47
C GLN A 153 -29.50 23.35 0.12
N GLY A 154 -29.94 22.42 -0.72
CA GLY A 154 -29.11 21.31 -1.14
C GLY A 154 -29.88 20.03 -1.31
N ASP A 155 -29.41 19.16 -2.20
CA ASP A 155 -30.12 17.92 -2.50
C ASP A 155 -29.25 16.68 -2.25
N ASP A 156 -28.09 16.90 -1.65
CA ASP A 156 -27.26 15.81 -1.13
C ASP A 156 -26.35 16.36 -0.03
N ASP A 157 -25.78 15.46 0.77
CA ASP A 157 -24.98 15.84 1.93
C ASP A 157 -23.80 16.74 1.57
N ASP A 158 -23.14 16.46 0.45
CA ASP A 158 -21.96 17.21 0.04
C ASP A 158 -22.30 18.64 -0.36
N GLU A 159 -23.38 18.82 -1.11
CA GLU A 159 -23.80 20.14 -1.56
C GLU A 159 -24.29 20.99 -0.39
N ILE A 160 -24.87 20.33 0.61
CA ILE A 160 -25.37 21.01 1.79
C ILE A 160 -24.23 21.49 2.68
N LEU A 161 -23.21 20.65 2.84
CA LEU A 161 -22.05 21.01 3.64
C LEU A 161 -21.29 22.18 3.00
N LYS A 162 -21.26 22.19 1.67
CA LYS A 162 -20.63 23.28 0.94
C LYS A 162 -21.40 24.57 1.15
N ASN A 163 -22.72 24.47 1.20
CA ASN A 163 -23.56 25.64 1.44
C ASN A 163 -23.41 26.19 2.86
N TYR A 164 -23.18 25.31 3.82
CA TYR A 164 -22.95 25.73 5.19
C TYR A 164 -21.61 26.46 5.32
N GLN A 165 -20.58 25.87 4.75
CA GLN A 165 -19.22 26.42 4.84
C GLN A 165 -19.11 27.77 4.13
N VAL A 166 -20.11 28.08 3.31
CA VAL A 166 -20.19 29.39 2.66
C VAL A 166 -20.77 30.44 3.60
N VAL A 167 -21.84 30.06 4.32
CA VAL A 167 -22.56 31.00 5.18
C VAL A 167 -21.97 31.07 6.59
N GLU A 168 -21.15 30.09 6.94
CA GLU A 168 -20.58 30.00 8.28
C GLU A 168 -19.79 31.24 8.75
N PRO A 169 -18.89 31.79 7.90
CA PRO A 169 -18.09 32.93 8.39
C PRO A 169 -18.93 34.11 8.87
N GLU A 170 -20.06 34.37 8.22
CA GLU A 170 -20.94 35.46 8.62
C GLU A 170 -21.91 35.03 9.72
N LEU A 171 -22.37 33.79 9.64
CA LEU A 171 -23.29 33.24 10.62
C LEU A 171 -22.65 33.21 12.01
N GLN A 172 -21.33 33.12 12.03
CA GLN A 172 -20.58 33.03 13.28
C GLN A 172 -20.48 34.39 13.98
N GLN A 173 -20.61 35.48 13.22
CA GLN A 173 -20.45 36.82 13.78
C GLN A 173 -21.76 37.35 14.35
N VAL A 174 -22.84 36.60 14.17
CA VAL A 174 -24.14 36.97 14.71
C VAL A 174 -24.08 37.02 16.23
N ASN A 175 -24.73 38.02 16.83
CA ASN A 175 -24.75 38.21 18.27
C ASN A 175 -23.34 38.43 18.83
N GLY A 176 -22.58 39.29 18.16
CA GLY A 176 -21.24 39.64 18.61
C GLY A 176 -20.28 38.47 18.65
N GLY A 177 -20.60 37.41 17.91
CA GLY A 177 -19.74 36.24 17.87
C GLY A 177 -20.15 35.18 18.88
N ASP A 178 -20.88 35.59 19.91
CA ASP A 178 -21.36 34.64 20.92
C ASP A 178 -22.58 33.90 20.40
N ILE A 179 -22.38 33.13 19.33
CA ILE A 179 -23.39 32.21 18.85
C ILE A 179 -22.73 30.85 18.67
N ARG A 180 -23.31 29.83 19.28
CA ARG A 180 -22.71 28.50 19.23
C ARG A 180 -23.41 27.62 18.21
N LEU A 181 -22.68 27.26 17.17
CA LEU A 181 -23.24 26.50 16.06
C LEU A 181 -23.05 25.01 16.25
N ALA A 182 -24.12 24.25 16.06
CA ALA A 182 -24.08 22.81 16.20
C ALA A 182 -25.03 22.15 15.20
N GLY A 183 -25.17 20.84 15.30
CA GLY A 183 -25.98 20.09 14.36
C GLY A 183 -25.10 19.34 13.38
N LEU A 184 -25.72 18.77 12.35
CA LEU A 184 -25.02 17.91 11.40
C LEU A 184 -23.87 18.60 10.67
N ASN A 185 -24.13 19.76 10.09
CA ASN A 185 -23.13 20.43 9.25
C ASN A 185 -21.96 21.08 10.00
N PRO A 186 -22.21 21.73 11.15
CA PRO A 186 -21.05 22.21 11.89
C PRO A 186 -20.14 21.07 12.35
N LEU A 187 -20.72 19.90 12.60
CA LEU A 187 -19.95 18.72 12.98
C LEU A 187 -19.27 18.09 11.77
N ALA A 188 -19.98 18.04 10.65
CA ALA A 188 -19.43 17.46 9.42
C ALA A 188 -18.26 18.28 8.89
N SER A 189 -18.40 19.60 8.94
CA SER A 189 -17.33 20.50 8.55
C SER A 189 -16.09 20.27 9.39
N GLU A 190 -16.31 20.00 10.68
CA GLU A 190 -15.21 19.76 11.61
C GLU A 190 -14.56 18.40 11.37
N LEU A 191 -15.38 17.38 11.15
CA LEU A 191 -14.89 16.03 10.92
C LEU A 191 -14.08 15.93 9.62
N THR A 192 -14.61 16.49 8.55
CA THR A 192 -13.94 16.45 7.25
C THR A 192 -12.72 17.39 7.24
N GLY A 193 -12.76 18.41 8.10
CA GLY A 193 -11.67 19.36 8.21
C GLY A 193 -10.44 18.75 8.84
N THR A 194 -10.61 17.64 9.55
CA THR A 194 -9.51 16.95 10.19
C THR A 194 -8.50 16.42 9.16
N ILE A 195 -9.01 16.07 7.99
CA ILE A 195 -8.17 15.61 6.89
C ILE A 195 -7.08 16.64 6.60
N GLY A 196 -7.50 17.90 6.46
CA GLY A 196 -6.58 18.99 6.17
C GLY A 196 -5.46 19.16 7.18
N GLU A 197 -5.80 19.13 8.47
CA GLU A 197 -4.79 19.28 9.52
C GLU A 197 -3.81 18.12 9.52
N ASP A 198 -4.31 16.93 9.23
CA ASP A 198 -3.48 15.74 9.19
C ASP A 198 -2.49 15.80 8.02
N GLN A 199 -2.94 16.36 6.90
CA GLN A 199 -2.08 16.51 5.73
C GLN A 199 -0.92 17.46 6.04
N LYS A 200 -1.21 18.55 6.72
CA LYS A 200 -0.20 19.56 7.00
C LYS A 200 0.70 19.16 8.18
N ARG A 201 0.18 18.32 9.07
CA ARG A 201 0.98 17.81 10.17
C ARG A 201 2.04 16.86 9.64
N ALA A 202 1.72 16.20 8.52
CA ALA A 202 2.65 15.30 7.86
C ALA A 202 3.72 16.09 7.12
N GLU A 203 3.32 17.19 6.48
CA GLU A 203 4.26 18.05 5.76
C GLU A 203 5.30 18.63 6.71
N VAL A 204 4.83 19.10 7.86
CA VAL A 204 5.68 19.81 8.81
C VAL A 204 6.59 18.88 9.61
N ALA A 205 6.05 17.76 10.09
CA ALA A 205 6.79 16.91 11.00
C ALA A 205 7.39 15.66 10.34
N ALA A 206 6.61 14.99 9.51
CA ALA A 206 7.03 13.71 8.94
C ALA A 206 8.18 13.86 7.94
N ILE A 207 8.04 14.80 7.00
CA ILE A 207 9.03 14.99 5.95
C ILE A 207 10.46 15.26 6.48
N PRO A 208 10.63 16.21 7.42
CA PRO A 208 11.99 16.42 7.90
C PRO A 208 12.56 15.22 8.65
N LEU A 209 11.70 14.52 9.39
CA LEU A 209 12.10 13.33 10.13
C LEU A 209 12.50 12.21 9.19
N VAL A 210 11.78 12.07 8.08
CA VAL A 210 12.09 11.07 7.08
C VAL A 210 13.41 11.38 6.38
N ALA A 211 13.63 12.68 6.11
CA ALA A 211 14.87 13.13 5.49
C ALA A 211 16.08 12.79 6.38
N VAL A 212 15.86 12.80 7.69
CA VAL A 212 16.90 12.46 8.64
C VAL A 212 17.16 10.96 8.68
N VAL A 213 16.09 10.18 8.76
CA VAL A 213 16.19 8.72 8.75
C VAL A 213 16.84 8.25 7.45
N LEU A 214 16.56 8.98 6.37
CA LEU A 214 17.14 8.67 5.06
C LEU A 214 18.63 8.99 5.00
N PHE A 215 19.02 10.11 5.60
CA PHE A 215 20.44 10.51 5.58
C PHE A 215 21.24 9.73 6.63
N PHE A 216 20.56 8.85 7.35
CA PHE A 216 21.24 7.97 8.30
C PHE A 216 21.32 6.55 7.76
N VAL A 217 20.47 6.25 6.79
CA VAL A 217 20.53 4.97 6.08
C VAL A 217 21.64 5.03 5.03
N PHE A 218 21.61 6.09 4.23
CA PHE A 218 22.72 6.41 3.33
C PHE A 218 23.47 7.61 3.93
N GLY A 219 24.80 7.58 3.87
CA GLY A 219 25.58 8.68 4.38
C GLY A 219 25.78 9.76 3.35
N THR A 220 24.78 9.95 2.49
CA THR A 220 24.93 10.77 1.30
C THR A 220 23.63 11.50 0.94
N VAL A 221 23.74 12.77 0.54
CA VAL A 221 22.58 13.60 0.25
C VAL A 221 21.80 13.15 -0.98
N ILE A 222 22.49 13.02 -2.11
CA ILE A 222 21.85 12.58 -3.36
C ILE A 222 21.15 11.24 -3.18
N ALA A 223 21.85 10.30 -2.54
CA ALA A 223 21.33 8.97 -2.31
C ALA A 223 20.12 8.98 -1.38
N ALA A 224 20.11 9.91 -0.43
CA ALA A 224 19.02 10.01 0.53
C ALA A 224 17.83 10.77 -0.04
N ALA A 225 18.10 11.67 -0.99
CA ALA A 225 17.07 12.54 -1.53
C ALA A 225 16.17 11.83 -2.56
N LEU A 226 16.74 10.88 -3.28
CA LEU A 226 16.01 10.18 -4.34
C LEU A 226 14.76 9.43 -3.86
N PRO A 227 14.84 8.68 -2.74
CA PRO A 227 13.60 8.03 -2.29
C PRO A 227 12.54 9.03 -1.85
N ALA A 228 12.97 10.21 -1.38
CA ALA A 228 12.04 11.25 -0.96
C ALA A 228 11.33 11.87 -2.17
N ILE A 229 12.09 12.09 -3.24
CA ILE A 229 11.54 12.64 -4.47
C ILE A 229 10.52 11.68 -5.07
N ILE A 230 10.82 10.38 -4.98
CA ILE A 230 9.91 9.34 -5.46
C ILE A 230 8.59 9.39 -4.69
N GLY A 231 8.69 9.59 -3.37
CA GLY A 231 7.52 9.69 -2.53
C GLY A 231 6.63 10.87 -2.90
N GLY A 232 7.26 11.98 -3.28
CA GLY A 232 6.55 13.17 -3.68
C GLY A 232 5.82 12.98 -5.01
N LEU A 233 6.52 12.41 -5.98
CA LEU A 233 5.93 12.14 -7.29
C LEU A 233 4.80 11.11 -7.17
N ALA A 234 4.90 10.24 -6.18
CA ALA A 234 3.89 9.22 -5.94
C ALA A 234 2.59 9.85 -5.48
N ILE A 235 2.66 10.68 -4.43
CA ILE A 235 1.50 11.36 -3.89
C ILE A 235 0.82 12.22 -4.95
N ALA A 236 1.61 13.07 -5.62
CA ALA A 236 1.11 13.94 -6.66
C ALA A 236 0.35 13.16 -7.74
N GLY A 237 0.98 12.12 -8.26
CA GLY A 237 0.37 11.29 -9.27
C GLY A 237 -0.85 10.53 -8.75
N ALA A 238 -0.79 10.08 -7.51
CA ALA A 238 -1.88 9.31 -6.92
C ALA A 238 -3.11 10.18 -6.66
N LEU A 239 -2.88 11.42 -6.22
CA LEU A 239 -3.97 12.36 -6.03
C LEU A 239 -4.64 12.69 -7.35
N GLY A 240 -3.84 12.72 -8.42
CA GLY A 240 -4.36 12.95 -9.75
C GLY A 240 -5.19 11.78 -10.23
N ILE A 241 -4.72 10.57 -9.95
CA ILE A 241 -5.46 9.36 -10.29
C ILE A 241 -6.80 9.34 -9.58
N MET A 242 -6.79 9.65 -8.28
CA MET A 242 -8.01 9.65 -7.47
C MET A 242 -8.99 10.73 -7.91
N ARG A 243 -8.47 11.90 -8.27
CA ARG A 243 -9.29 12.97 -8.82
C ARG A 243 -9.97 12.50 -10.10
N LEU A 244 -9.22 11.74 -10.90
CA LEU A 244 -9.76 11.14 -12.12
C LEU A 244 -10.81 10.09 -11.80
N VAL A 245 -10.56 9.30 -10.77
CA VAL A 245 -11.51 8.28 -10.32
C VAL A 245 -12.80 8.94 -9.84
N ALA A 246 -12.67 10.10 -9.22
CA ALA A 246 -13.81 10.85 -8.70
C ALA A 246 -14.74 11.34 -9.82
N GLU A 247 -14.26 11.27 -11.06
CA GLU A 247 -15.07 11.65 -12.22
C GLU A 247 -16.07 10.56 -12.56
N PHE A 248 -15.88 9.37 -12.02
CA PHE A 248 -16.74 8.24 -12.34
C PHE A 248 -17.50 7.72 -11.12
N THR A 249 -16.78 7.47 -10.03
CA THR A 249 -17.38 7.03 -8.79
C THR A 249 -17.24 8.10 -7.71
N PRO A 250 -18.06 8.02 -6.64
CA PRO A 250 -17.80 8.87 -5.49
C PRO A 250 -16.56 8.42 -4.73
N VAL A 251 -15.66 9.34 -4.45
CA VAL A 251 -14.48 9.03 -3.64
C VAL A 251 -14.63 9.66 -2.26
N HIS A 252 -14.59 8.83 -1.23
CA HIS A 252 -14.81 9.30 0.13
C HIS A 252 -13.69 10.23 0.59
N PHE A 253 -14.03 11.18 1.46
CA PHE A 253 -13.08 12.11 2.07
C PHE A 253 -11.85 11.40 2.61
N PHE A 254 -12.07 10.25 3.24
CA PHE A 254 -11.04 9.53 3.97
C PHE A 254 -10.01 8.87 3.05
N ALA A 255 -10.24 8.92 1.74
CA ALA A 255 -9.31 8.34 0.79
C ALA A 255 -8.06 9.20 0.65
N GLN A 256 -8.20 10.49 0.90
CA GLN A 256 -7.07 11.43 0.78
C GLN A 256 -5.94 11.15 1.78
N PRO A 257 -6.25 11.01 3.09
CA PRO A 257 -5.12 10.77 4.00
C PRO A 257 -4.51 9.37 3.82
N VAL A 258 -5.27 8.43 3.27
CA VAL A 258 -4.79 7.09 3.01
C VAL A 258 -3.65 7.12 1.99
N VAL A 259 -3.79 7.99 0.99
CA VAL A 259 -2.75 8.19 -0.01
C VAL A 259 -1.44 8.64 0.63
N THR A 260 -1.55 9.42 1.70
CA THR A 260 -0.37 9.92 2.41
C THR A 260 0.13 8.91 3.45
N LEU A 261 -0.78 8.41 4.28
CA LEU A 261 -0.41 7.50 5.36
C LEU A 261 0.26 6.23 4.85
N ILE A 262 -0.35 5.61 3.83
CA ILE A 262 0.16 4.36 3.29
C ILE A 262 1.04 4.58 2.06
N GLY A 263 0.55 5.37 1.12
CA GLY A 263 1.25 5.58 -0.14
C GLY A 263 2.64 6.18 -0.03
N LEU A 264 2.76 7.24 0.77
CA LEU A 264 4.04 7.93 0.93
C LEU A 264 5.10 7.02 1.54
N GLY A 265 4.73 6.29 2.58
CA GLY A 265 5.64 5.42 3.28
C GLY A 265 6.21 4.30 2.42
N ILE A 266 5.34 3.67 1.65
CA ILE A 266 5.75 2.54 0.81
C ILE A 266 6.58 3.00 -0.39
N ALA A 267 6.23 4.16 -0.94
CA ALA A 267 6.97 4.73 -2.05
C ALA A 267 8.41 5.03 -1.65
N ILE A 268 8.58 5.61 -0.46
CA ILE A 268 9.90 5.90 0.07
C ILE A 268 10.63 4.60 0.43
N ASP A 269 9.89 3.65 1.00
CA ASP A 269 10.45 2.35 1.34
C ASP A 269 10.88 1.61 0.07
N TYR A 270 10.11 1.76 -0.99
CA TYR A 270 10.48 1.20 -2.30
C TYR A 270 11.75 1.87 -2.81
N GLY A 271 11.77 3.20 -2.75
CA GLY A 271 12.91 3.96 -3.20
C GLY A 271 14.16 3.67 -2.39
N LEU A 272 13.99 3.54 -1.08
CA LEU A 272 15.10 3.22 -0.19
C LEU A 272 15.71 1.87 -0.57
N PHE A 273 14.86 0.88 -0.78
CA PHE A 273 15.30 -0.48 -1.02
C PHE A 273 15.94 -0.67 -2.41
N ILE A 274 15.59 0.21 -3.34
CA ILE A 274 16.12 0.12 -4.70
C ILE A 274 17.43 0.88 -4.84
N VAL A 275 17.50 2.08 -4.27
CA VAL A 275 18.72 2.86 -4.25
C VAL A 275 19.81 2.11 -3.48
N SER A 276 19.39 1.42 -2.43
CA SER A 276 20.29 0.61 -1.61
C SER A 276 20.95 -0.50 -2.41
N ARG A 277 20.19 -1.13 -3.29
CA ARG A 277 20.70 -2.23 -4.10
C ARG A 277 21.63 -1.72 -5.21
N PHE A 278 21.31 -0.56 -5.77
CA PHE A 278 22.10 0.02 -6.84
C PHE A 278 23.54 0.30 -6.40
N ARG A 279 23.69 0.79 -5.17
CA ARG A 279 25.02 1.06 -4.63
C ARG A 279 25.78 -0.23 -4.38
N GLU A 280 25.08 -1.26 -3.90
CA GLU A 280 25.66 -2.59 -3.72
C GLU A 280 26.27 -3.09 -5.03
N GLU A 281 25.54 -2.87 -6.11
CA GLU A 281 25.96 -3.33 -7.43
C GLU A 281 27.22 -2.59 -7.90
N ILE A 282 27.21 -1.27 -7.74
CA ILE A 282 28.36 -0.45 -8.10
C ILE A 282 29.60 -0.85 -7.31
N ALA A 283 29.39 -1.15 -6.03
CA ALA A 283 30.49 -1.53 -5.14
C ALA A 283 31.13 -2.85 -5.56
N GLU A 284 30.32 -3.77 -6.07
CA GLU A 284 30.82 -5.08 -6.46
C GLU A 284 31.54 -5.03 -7.82
N GLY A 285 31.51 -3.88 -8.47
CA GLY A 285 32.32 -3.67 -9.65
C GLY A 285 31.58 -3.44 -10.97
N TYR A 286 30.26 -3.61 -10.94
CA TYR A 286 29.46 -3.45 -12.15
C TYR A 286 29.36 -1.98 -12.56
N ASP A 287 29.41 -1.72 -13.87
CA ASP A 287 29.25 -0.36 -14.36
C ASP A 287 27.77 0.03 -14.30
N THR A 288 27.50 1.31 -14.53
CA THR A 288 26.16 1.87 -14.36
C THR A 288 25.07 1.09 -15.09
N GLU A 289 25.32 0.76 -16.35
CA GLU A 289 24.33 0.05 -17.16
C GLU A 289 23.99 -1.32 -16.58
N ALA A 290 25.01 -2.11 -16.28
CA ALA A 290 24.80 -3.43 -15.70
C ALA A 290 24.20 -3.31 -14.30
N ALA A 291 24.64 -2.30 -13.55
CA ALA A 291 24.14 -2.06 -12.21
C ALA A 291 22.64 -1.82 -12.22
N VAL A 292 22.19 -0.97 -13.15
CA VAL A 292 20.77 -0.66 -13.29
C VAL A 292 19.96 -1.91 -13.61
N ARG A 293 20.42 -2.68 -14.60
CA ARG A 293 19.70 -3.88 -15.02
C ARG A 293 19.60 -4.91 -13.90
N ARG A 294 20.72 -5.14 -13.22
CA ARG A 294 20.75 -6.12 -12.13
C ARG A 294 19.84 -5.70 -10.97
N THR A 295 19.72 -4.39 -10.76
CA THR A 295 18.87 -3.85 -9.70
C THR A 295 17.40 -4.13 -10.01
N VAL A 296 17.02 -3.92 -11.27
CA VAL A 296 15.65 -4.14 -11.70
C VAL A 296 15.29 -5.63 -11.67
N MET A 297 16.22 -6.47 -12.12
CA MET A 297 15.97 -7.91 -12.19
C MET A 297 15.83 -8.56 -10.81
N THR A 298 16.34 -7.88 -9.78
CA THR A 298 16.31 -8.43 -8.43
C THR A 298 15.39 -7.65 -7.52
N SER A 299 15.87 -6.49 -7.05
CA SER A 299 15.12 -5.66 -6.13
C SER A 299 13.83 -5.12 -6.76
N GLY A 300 13.88 -4.89 -8.07
CA GLY A 300 12.72 -4.42 -8.79
C GLY A 300 11.59 -5.43 -8.76
N ARG A 301 11.94 -6.70 -8.90
CA ARG A 301 10.97 -7.79 -8.83
C ARG A 301 10.42 -7.95 -7.42
N THR A 302 11.25 -7.64 -6.43
CA THR A 302 10.83 -7.66 -5.04
C THR A 302 9.78 -6.59 -4.79
N VAL A 303 9.98 -5.42 -5.41
CA VAL A 303 9.05 -4.31 -5.27
C VAL A 303 7.71 -4.61 -5.94
N VAL A 304 7.77 -5.08 -7.19
CA VAL A 304 6.57 -5.40 -7.95
C VAL A 304 5.75 -6.48 -7.25
N PHE A 305 6.43 -7.52 -6.75
CA PHE A 305 5.74 -8.59 -6.04
C PHE A 305 5.12 -8.08 -4.75
N SER A 306 5.82 -7.15 -4.10
CA SER A 306 5.30 -6.50 -2.90
C SER A 306 4.01 -5.75 -3.21
N ALA A 307 3.99 -5.09 -4.37
CA ALA A 307 2.81 -4.38 -4.83
C ALA A 307 1.67 -5.37 -5.08
N VAL A 308 1.99 -6.52 -5.64
CA VAL A 308 1.01 -7.57 -5.90
C VAL A 308 0.40 -8.06 -4.59
N ILE A 309 1.25 -8.28 -3.59
CA ILE A 309 0.81 -8.74 -2.28
C ILE A 309 -0.18 -7.77 -1.64
N ILE A 310 0.16 -6.49 -1.65
CA ILE A 310 -0.68 -5.46 -1.07
C ILE A 310 -2.04 -5.36 -1.78
N VAL A 311 -2.01 -5.35 -3.11
CA VAL A 311 -3.23 -5.31 -3.90
C VAL A 311 -4.10 -6.52 -3.60
N ALA A 312 -3.47 -7.69 -3.51
CA ALA A 312 -4.18 -8.93 -3.19
C ALA A 312 -4.77 -8.88 -1.79
N SER A 313 -4.20 -8.06 -0.93
CA SER A 313 -4.67 -7.92 0.44
C SER A 313 -5.77 -6.86 0.54
N SER A 314 -5.86 -6.00 -0.48
CA SER A 314 -6.79 -4.88 -0.44
C SER A 314 -8.05 -5.12 -1.26
N VAL A 315 -7.91 -5.86 -2.36
CA VAL A 315 -9.04 -6.19 -3.23
C VAL A 315 -10.23 -6.85 -2.50
N PRO A 316 -9.98 -7.76 -1.54
CA PRO A 316 -11.13 -8.32 -0.80
C PRO A 316 -12.04 -7.28 -0.14
N LEU A 317 -11.54 -6.07 0.08
CA LEU A 317 -12.37 -5.01 0.65
C LEU A 317 -13.48 -4.58 -0.31
N LEU A 318 -13.31 -4.90 -1.58
CA LEU A 318 -14.31 -4.58 -2.59
C LEU A 318 -15.56 -5.44 -2.41
N LEU A 319 -15.44 -6.50 -1.62
CA LEU A 319 -16.58 -7.35 -1.31
C LEU A 319 -17.64 -6.57 -0.52
N PHE A 320 -17.18 -5.61 0.29
CA PHE A 320 -18.10 -4.79 1.06
C PHE A 320 -18.76 -3.71 0.19
N PRO A 321 -20.04 -3.46 0.43
CA PRO A 321 -20.85 -2.52 -0.35
C PRO A 321 -20.61 -1.04 -0.01
N GLN A 322 -20.02 -0.76 1.15
CA GLN A 322 -19.78 0.62 1.57
C GLN A 322 -18.81 1.34 0.63
N GLY A 323 -19.24 2.48 0.10
CA GLY A 323 -18.41 3.28 -0.79
C GLY A 323 -17.18 3.81 -0.07
N PHE A 324 -17.27 3.87 1.25
CA PHE A 324 -16.16 4.26 2.10
C PHE A 324 -14.97 3.30 1.92
N LEU A 325 -15.25 2.00 1.97
CA LEU A 325 -14.21 0.99 1.83
C LEU A 325 -13.75 0.85 0.38
N LYS A 326 -14.67 1.09 -0.56
CA LYS A 326 -14.34 0.97 -1.98
C LYS A 326 -13.35 2.03 -2.42
N SER A 327 -13.67 3.29 -2.15
CA SER A 327 -12.79 4.40 -2.52
C SER A 327 -11.43 4.28 -1.83
N ILE A 328 -11.45 3.80 -0.59
CA ILE A 328 -10.21 3.55 0.15
C ILE A 328 -9.41 2.45 -0.53
N THR A 329 -10.10 1.41 -0.98
CA THR A 329 -9.45 0.32 -1.70
C THR A 329 -8.81 0.81 -2.99
N TYR A 330 -9.54 1.65 -3.72
CA TYR A 330 -9.02 2.25 -4.94
C TYR A 330 -7.79 3.09 -4.63
N ALA A 331 -7.83 3.80 -3.50
CA ALA A 331 -6.75 4.68 -3.10
C ALA A 331 -5.47 3.91 -2.78
N ILE A 332 -5.61 2.80 -2.06
CA ILE A 332 -4.46 1.96 -1.74
C ILE A 332 -3.81 1.40 -3.00
N ILE A 333 -4.65 0.87 -3.89
CA ILE A 333 -4.17 0.28 -5.14
C ILE A 333 -3.42 1.30 -5.99
N ALA A 334 -4.04 2.46 -6.21
CA ALA A 334 -3.43 3.52 -7.00
C ALA A 334 -2.08 3.92 -6.44
N SER A 335 -2.00 4.06 -5.11
CA SER A 335 -0.78 4.49 -4.44
C SER A 335 0.36 3.49 -4.59
N VAL A 336 0.07 2.22 -4.32
CA VAL A 336 1.11 1.19 -4.32
C VAL A 336 1.60 0.86 -5.73
N MET A 337 0.67 0.77 -6.68
CA MET A 337 1.02 0.48 -8.06
C MET A 337 1.88 1.60 -8.64
N LEU A 338 1.50 2.84 -8.35
CA LEU A 338 2.26 3.99 -8.83
C LEU A 338 3.65 4.05 -8.18
N ALA A 339 3.71 3.69 -6.90
CA ALA A 339 4.97 3.67 -6.18
C ALA A 339 5.90 2.60 -6.73
N ALA A 340 5.34 1.43 -7.05
CA ALA A 340 6.11 0.34 -7.62
C ALA A 340 6.62 0.70 -9.01
N ILE A 341 5.74 1.32 -9.80
CA ILE A 341 6.10 1.72 -11.16
C ILE A 341 7.15 2.83 -11.15
N LEU A 342 6.94 3.84 -10.31
CA LEU A 342 7.87 4.96 -10.22
C LEU A 342 9.25 4.53 -9.74
N SER A 343 9.30 3.55 -8.86
CA SER A 343 10.57 3.10 -8.28
C SER A 343 11.45 2.39 -9.32
N ILE A 344 10.82 1.81 -10.34
CA ILE A 344 11.57 1.10 -11.37
C ILE A 344 11.52 1.81 -12.72
N THR A 345 11.08 3.07 -12.71
CA THR A 345 11.10 3.88 -13.93
C THR A 345 11.86 5.18 -13.71
N VAL A 346 11.23 6.13 -13.02
CA VAL A 346 11.87 7.41 -12.72
C VAL A 346 13.16 7.23 -11.92
N LEU A 347 13.08 6.44 -10.87
CA LEU A 347 14.22 6.23 -9.98
C LEU A 347 15.35 5.49 -10.69
N ALA A 348 15.00 4.46 -11.44
CA ALA A 348 15.98 3.67 -12.18
C ALA A 348 16.67 4.53 -13.25
N ALA A 349 15.89 5.39 -13.90
CA ALA A 349 16.42 6.27 -14.94
C ALA A 349 17.34 7.33 -14.33
N ALA A 350 17.00 7.78 -13.13
CA ALA A 350 17.80 8.79 -12.45
C ALA A 350 19.18 8.23 -12.09
N LEU A 351 19.19 7.04 -11.51
CA LEU A 351 20.43 6.36 -11.14
C LEU A 351 21.28 6.09 -12.37
N ALA A 352 20.62 5.75 -13.47
CA ALA A 352 21.30 5.47 -14.73
C ALA A 352 22.02 6.72 -15.25
N ILE A 353 21.44 7.88 -14.99
CA ILE A 353 22.03 9.15 -15.38
C ILE A 353 23.13 9.56 -14.39
N LEU A 354 22.81 9.43 -13.10
CA LEU A 354 23.75 9.83 -12.05
C LEU A 354 24.96 8.90 -11.97
N GLY A 355 24.70 7.60 -11.82
CA GLY A 355 25.77 6.63 -11.68
C GLY A 355 26.42 6.67 -10.32
N PRO A 356 27.76 6.63 -10.28
CA PRO A 356 28.51 6.75 -9.02
C PRO A 356 28.40 8.14 -8.41
N ARG A 357 27.85 9.09 -9.16
CA ARG A 357 27.69 10.46 -8.67
C ARG A 357 26.75 10.55 -7.48
N VAL A 358 25.94 9.51 -7.29
CA VAL A 358 24.97 9.50 -6.21
C VAL A 358 25.63 9.60 -4.85
N ASP A 359 26.94 9.33 -4.80
CA ASP A 359 27.71 9.42 -3.57
C ASP A 359 28.69 10.60 -3.57
N ALA A 360 28.56 11.50 -4.54
CA ALA A 360 29.46 12.64 -4.69
C ALA A 360 29.46 13.55 -3.46
N LEU A 361 28.25 14.02 -3.15
CA LEU A 361 27.98 14.97 -2.08
C LEU A 361 27.77 14.30 -0.77
N GLY A 362 28.69 14.54 0.16
CA GLY A 362 28.64 13.94 1.48
C GLY A 362 27.78 14.67 2.49
N VAL A 363 27.83 14.19 3.74
CA VAL A 363 27.10 14.77 4.87
C VAL A 363 27.55 16.20 5.13
N THR A 364 28.86 16.45 4.97
CA THR A 364 29.47 17.75 5.14
C THR A 364 28.91 18.79 4.16
N THR A 365 28.58 18.36 2.94
CA THR A 365 28.05 19.27 1.94
C THR A 365 26.79 19.93 2.49
N LEU A 366 25.92 19.15 3.14
CA LEU A 366 24.79 19.77 3.76
C LEU A 366 25.15 20.84 4.74
N LEU A 367 26.19 20.55 5.50
CA LEU A 367 26.60 21.37 6.61
C LEU A 367 27.46 22.55 6.17
N PHE A 402 25.18 -6.27 16.21
CA PHE A 402 25.25 -7.03 14.96
C PHE A 402 24.16 -8.09 14.92
N TRP A 403 23.43 -8.14 13.81
CA TRP A 403 22.25 -9.00 13.67
C TRP A 403 22.52 -10.52 13.74
N GLY A 404 23.59 -10.97 13.11
CA GLY A 404 23.97 -12.37 13.07
C GLY A 404 24.37 -13.00 14.39
N ARG A 405 24.83 -12.21 15.34
CA ARG A 405 25.15 -12.76 16.65
C ARG A 405 23.87 -12.99 17.45
N LEU A 406 22.92 -12.06 17.32
CA LEU A 406 21.65 -12.17 18.05
C LEU A 406 20.76 -13.27 17.48
N VAL A 407 20.72 -13.41 16.16
CA VAL A 407 19.94 -14.49 15.57
C VAL A 407 20.52 -15.82 16.09
N ASN A 408 21.83 -15.87 16.26
CA ASN A 408 22.51 -17.03 16.84
C ASN A 408 22.14 -17.26 18.30
N VAL A 409 21.85 -16.19 19.03
CA VAL A 409 21.44 -16.32 20.42
C VAL A 409 20.05 -16.97 20.47
N VAL A 410 19.21 -16.65 19.49
CA VAL A 410 17.90 -17.27 19.35
C VAL A 410 18.02 -18.57 18.54
N MET A 411 19.24 -18.95 18.15
CA MET A 411 19.43 -20.24 17.48
C MET A 411 19.37 -21.37 18.52
N LYS A 412 20.15 -21.10 19.57
CA LYS A 412 20.40 -21.93 20.74
C LYS A 412 19.24 -22.28 21.62
N ARG A 413 18.23 -21.44 21.70
CA ARG A 413 17.12 -21.81 22.56
C ARG A 413 15.80 -21.32 22.05
N PRO A 414 15.26 -22.05 21.10
CA PRO A 414 13.98 -21.70 20.52
C PRO A 414 12.96 -21.44 21.60
N ILE A 415 12.53 -22.48 22.28
CA ILE A 415 11.50 -22.31 23.26
C ILE A 415 11.78 -21.28 24.33
N ALA A 416 13.03 -20.88 24.47
CA ALA A 416 13.31 -19.88 25.49
C ALA A 416 12.60 -18.61 25.14
N PHE A 417 12.60 -18.27 23.87
CA PHE A 417 11.90 -17.08 23.44
C PHE A 417 10.51 -17.38 22.93
N ALA A 418 10.37 -18.41 22.10
CA ALA A 418 9.14 -18.59 21.39
C ALA A 418 7.91 -18.87 22.24
N ALA A 419 8.02 -19.78 23.19
CA ALA A 419 6.86 -20.17 23.97
C ALA A 419 6.35 -19.02 24.78
N PRO A 420 7.30 -18.35 25.38
CA PRO A 420 7.02 -17.11 26.12
C PRO A 420 6.61 -15.92 25.25
N ILE A 421 6.40 -16.12 23.95
CA ILE A 421 5.87 -15.04 23.11
C ILE A 421 4.48 -15.41 22.63
N LEU A 422 4.28 -16.68 22.27
CA LEU A 422 2.95 -17.15 21.91
C LEU A 422 1.94 -16.84 23.01
N VAL A 423 2.39 -16.87 24.26
CA VAL A 423 1.53 -16.52 25.38
C VAL A 423 1.24 -15.02 25.41
N VAL A 424 2.29 -14.20 25.34
CA VAL A 424 2.14 -12.75 25.46
C VAL A 424 1.17 -12.20 24.42
N MET A 425 1.12 -12.86 23.26
CA MET A 425 0.28 -12.39 22.18
C MET A 425 -1.17 -12.82 22.34
N VAL A 426 -1.42 -14.02 22.87
CA VAL A 426 -2.81 -14.46 23.04
C VAL A 426 -3.48 -13.74 24.21
N LEU A 427 -2.71 -13.21 25.16
CA LEU A 427 -3.30 -12.29 26.13
C LEU A 427 -3.89 -11.13 25.35
N LEU A 428 -3.09 -10.52 24.49
CA LEU A 428 -3.54 -9.38 23.72
C LEU A 428 -4.78 -9.67 22.87
N ILE A 429 -5.00 -10.94 22.54
CA ILE A 429 -6.15 -11.32 21.73
C ILE A 429 -7.44 -11.38 22.57
N ILE A 430 -7.34 -11.34 23.89
CA ILE A 430 -8.57 -11.39 24.70
C ILE A 430 -9.19 -10.00 25.02
N PRO A 431 -8.39 -8.91 24.97
CA PRO A 431 -9.17 -7.66 24.92
C PRO A 431 -9.81 -7.48 23.55
N LEU A 432 -9.20 -8.04 22.51
CA LEU A 432 -9.79 -8.07 21.18
C LEU A 432 -11.16 -8.72 21.24
N GLY A 433 -11.22 -9.86 21.94
CA GLY A 433 -12.41 -10.67 22.06
C GLY A 433 -13.67 -9.86 22.34
N GLN A 434 -13.55 -8.85 23.18
CA GLN A 434 -14.68 -7.96 23.47
C GLN A 434 -14.51 -6.61 22.79
N LEU A 435 -15.32 -6.34 21.77
CA LEU A 435 -15.31 -5.04 21.12
C LEU A 435 -16.70 -4.67 20.63
N SER A 436 -17.01 -3.38 20.67
CA SER A 436 -18.31 -2.89 20.25
C SER A 436 -18.20 -2.10 18.94
N LEU A 437 -19.34 -1.84 18.32
CA LEU A 437 -19.38 -1.13 17.05
C LEU A 437 -20.46 -0.05 17.05
N GLY A 438 -20.16 1.10 16.44
CA GLY A 438 -21.10 2.19 16.37
C GLY A 438 -20.84 3.11 15.19
N GLY A 439 -21.79 4.00 14.93
CA GLY A 439 -21.67 4.95 13.84
C GLY A 439 -20.93 6.21 14.27
N ILE A 440 -20.85 7.17 13.35
CA ILE A 440 -20.17 8.43 13.64
C ILE A 440 -21.01 9.32 14.55
N SER A 441 -20.38 9.83 15.60
CA SER A 441 -21.01 10.80 16.48
C SER A 441 -20.06 11.96 16.71
N GLU A 442 -20.49 12.94 17.50
CA GLU A 442 -19.64 14.08 17.82
C GLU A 442 -18.47 13.65 18.70
N LYS A 443 -18.58 12.47 19.30
CA LYS A 443 -17.52 11.94 20.15
C LYS A 443 -16.30 11.51 19.33
N TYR A 444 -16.44 11.46 18.01
CA TYR A 444 -15.31 11.14 17.15
C TYR A 444 -14.29 12.27 17.17
N LEU A 445 -14.71 13.44 17.61
CA LEU A 445 -13.83 14.57 17.83
C LEU A 445 -13.32 14.56 19.28
N PRO A 446 -12.18 15.22 19.54
CA PRO A 446 -11.65 15.30 20.90
C PRO A 446 -12.64 15.94 21.87
N PRO A 447 -12.58 15.56 23.16
CA PRO A 447 -13.52 16.06 24.17
C PRO A 447 -13.46 17.57 24.39
N ASP A 448 -12.39 18.21 23.93
CA ASP A 448 -12.24 19.66 24.10
C ASP A 448 -12.54 20.42 22.81
N ASN A 449 -13.01 19.71 21.79
CA ASN A 449 -13.37 20.36 20.52
C ASN A 449 -14.59 21.25 20.68
N ALA A 450 -14.48 22.49 20.20
CA ALA A 450 -15.51 23.50 20.40
C ALA A 450 -16.86 23.11 19.81
N VAL A 451 -16.85 22.46 18.66
CA VAL A 451 -18.09 22.08 17.99
C VAL A 451 -18.77 20.93 18.73
N ARG A 452 -17.97 19.96 19.17
CA ARG A 452 -18.49 18.83 19.94
C ARG A 452 -19.18 19.31 21.21
N GLN A 453 -18.54 20.24 21.90
CA GLN A 453 -19.08 20.77 23.16
C GLN A 453 -20.34 21.58 22.93
N SER A 454 -20.36 22.34 21.83
CA SER A 454 -21.54 23.11 21.46
C SER A 454 -22.72 22.18 21.20
N GLN A 455 -22.41 21.02 20.63
CA GLN A 455 -23.42 19.98 20.42
C GLN A 455 -23.87 19.43 21.77
N GLU A 456 -22.91 19.14 22.64
CA GLU A 456 -23.19 18.55 23.94
C GLU A 456 -23.85 19.54 24.90
N GLN A 457 -23.67 20.83 24.66
CA GLN A 457 -24.35 21.84 25.44
C GLN A 457 -25.78 22.00 24.95
N PHE A 458 -25.97 21.87 23.64
CA PHE A 458 -27.31 21.93 23.05
C PHE A 458 -28.18 20.80 23.59
N ASP A 459 -27.60 19.61 23.68
CA ASP A 459 -28.32 18.45 24.15
C ASP A 459 -28.65 18.52 25.63
N LYS A 460 -27.83 19.26 26.37
CA LYS A 460 -28.06 19.44 27.81
C LYS A 460 -29.11 20.52 28.04
N LEU A 461 -28.97 21.65 27.35
CA LEU A 461 -29.89 22.77 27.49
C LEU A 461 -31.24 22.47 26.85
N PHE A 462 -31.23 21.74 25.73
CA PHE A 462 -32.46 21.43 25.01
C PHE A 462 -32.59 19.93 24.73
N PRO A 463 -32.95 19.15 25.76
CA PRO A 463 -33.12 17.70 25.60
C PRO A 463 -34.40 17.37 24.83
N GLY A 464 -34.39 16.24 24.13
CA GLY A 464 -35.59 15.77 23.45
C GLY A 464 -35.76 16.24 22.02
N PHE A 465 -34.91 17.17 21.59
CA PHE A 465 -34.97 17.67 20.21
C PHE A 465 -34.18 16.77 19.28
N ARG A 466 -33.05 16.25 19.76
CA ARG A 466 -32.22 15.35 18.98
C ARG A 466 -32.77 13.92 19.06
N THR A 467 -33.35 13.45 17.97
CA THR A 467 -34.03 12.16 17.97
C THR A 467 -33.51 11.18 16.91
N GLU A 468 -33.65 9.90 17.20
CA GLU A 468 -33.27 8.82 16.28
C GLU A 468 -34.41 7.84 16.04
N PRO A 469 -35.53 8.31 15.47
CA PRO A 469 -36.69 7.42 15.37
C PRO A 469 -36.53 6.34 14.31
N LEU A 470 -37.09 5.17 14.57
CA LEU A 470 -37.21 4.13 13.55
C LEU A 470 -38.45 4.41 12.71
N THR A 471 -38.32 4.27 11.40
CA THR A 471 -39.43 4.60 10.52
C THR A 471 -40.07 3.35 9.90
N LEU A 472 -41.39 3.34 9.86
CA LEU A 472 -42.13 2.34 9.11
C LEU A 472 -42.64 2.97 7.82
N VAL A 473 -41.92 2.76 6.73
CA VAL A 473 -42.26 3.36 5.45
C VAL A 473 -43.21 2.47 4.65
N MET A 474 -44.37 3.01 4.32
CA MET A 474 -45.41 2.24 3.63
C MET A 474 -45.62 2.71 2.20
N LYS A 475 -45.51 1.78 1.26
CA LYS A 475 -45.75 2.09 -0.16
C LYS A 475 -46.78 1.13 -0.76
N ARG A 476 -47.85 1.69 -1.31
CA ARG A 476 -48.90 0.91 -1.94
C ARG A 476 -48.54 0.65 -3.40
N GLU A 477 -48.45 -0.63 -3.77
CA GLU A 477 -47.91 -1.04 -5.06
C GLU A 477 -48.79 -0.65 -6.25
N ASP A 478 -50.10 -0.84 -6.14
CA ASP A 478 -51.00 -0.57 -7.25
C ASP A 478 -51.02 0.91 -7.64
N GLY A 479 -50.70 1.79 -6.70
CA GLY A 479 -50.50 3.20 -7.01
C GLY A 479 -51.52 4.16 -6.44
N GLU A 480 -52.58 3.65 -5.84
CA GLU A 480 -53.64 4.49 -5.28
C GLU A 480 -53.32 4.88 -3.83
N PRO A 481 -53.92 5.99 -3.34
CA PRO A 481 -53.69 6.50 -1.99
C PRO A 481 -53.80 5.45 -0.87
N ILE A 482 -53.04 5.67 0.20
CA ILE A 482 -53.13 4.84 1.39
C ILE A 482 -54.23 5.38 2.31
N THR A 483 -55.22 4.54 2.61
CA THR A 483 -56.33 4.96 3.43
C THR A 483 -55.97 4.91 4.91
N ASP A 484 -56.73 5.64 5.73
CA ASP A 484 -56.44 5.77 7.15
C ASP A 484 -56.60 4.46 7.91
N ALA A 485 -57.35 3.53 7.33
CA ALA A 485 -57.57 2.23 7.95
C ALA A 485 -56.29 1.39 7.93
N GLN A 486 -55.53 1.51 6.85
CA GLN A 486 -54.28 0.78 6.70
C GLN A 486 -53.18 1.40 7.55
N ILE A 487 -53.27 2.70 7.74
CA ILE A 487 -52.34 3.41 8.62
C ILE A 487 -52.59 3.01 10.06
N ALA A 488 -53.87 2.98 10.46
CA ALA A 488 -54.26 2.56 11.80
C ALA A 488 -53.98 1.07 12.00
N ASP A 489 -54.01 0.31 10.91
CA ASP A 489 -53.71 -1.11 10.96
C ASP A 489 -52.23 -1.33 11.29
N MET A 490 -51.36 -0.65 10.55
CA MET A 490 -49.92 -0.74 10.76
C MET A 490 -49.54 -0.27 12.16
N ARG A 491 -50.23 0.76 12.65
CA ARG A 491 -49.98 1.29 13.98
C ARG A 491 -50.23 0.23 15.06
N ALA A 492 -51.36 -0.48 14.94
CA ALA A 492 -51.71 -1.53 15.88
C ALA A 492 -50.64 -2.61 15.88
N LYS A 493 -50.14 -2.96 14.70
CA LYS A 493 -49.08 -3.94 14.57
C LYS A 493 -47.76 -3.40 15.11
N ALA A 494 -47.57 -2.09 14.98
CA ALA A 494 -46.39 -1.44 15.53
C ALA A 494 -46.42 -1.47 17.05
N LEU A 495 -47.63 -1.45 17.61
CA LEU A 495 -47.80 -1.47 19.06
C LEU A 495 -47.68 -2.88 19.63
N THR A 496 -47.53 -3.86 18.74
CA THR A 496 -47.28 -5.23 19.16
C THR A 496 -45.89 -5.34 19.78
N VAL A 497 -44.94 -4.59 19.21
CA VAL A 497 -43.56 -4.61 19.65
C VAL A 497 -43.31 -3.63 20.79
N SER A 498 -42.66 -4.11 21.85
CA SER A 498 -42.36 -3.28 23.01
C SER A 498 -41.04 -2.54 22.83
N GLY A 499 -40.84 -1.48 23.61
CA GLY A 499 -39.57 -0.78 23.63
C GLY A 499 -39.55 0.56 22.91
N PHE A 500 -40.68 0.96 22.33
CA PHE A 500 -40.74 2.23 21.63
C PHE A 500 -41.32 3.33 22.52
N THR A 501 -40.68 4.49 22.48
CA THR A 501 -40.97 5.60 23.40
C THR A 501 -42.44 6.01 23.41
N ASP A 502 -42.93 6.34 24.61
CA ASP A 502 -44.30 6.79 24.80
C ASP A 502 -44.31 7.90 25.86
N PRO A 503 -43.92 9.12 25.45
CA PRO A 503 -43.69 10.25 26.36
C PRO A 503 -44.90 10.60 27.23
N ASP A 504 -46.04 10.89 26.61
CA ASP A 504 -47.22 11.30 27.35
C ASP A 504 -48.16 10.13 27.60
N ASN A 505 -47.58 8.95 27.77
CA ASN A 505 -48.29 7.76 28.23
C ASN A 505 -49.60 7.44 27.50
N ASP A 506 -49.58 7.57 26.18
CA ASP A 506 -50.76 7.28 25.36
C ASP A 506 -50.34 6.52 24.10
N PRO A 507 -50.67 5.22 24.04
CA PRO A 507 -50.17 4.34 22.98
C PRO A 507 -50.80 4.56 21.60
N GLU A 508 -51.89 5.31 21.53
CA GLU A 508 -52.53 5.55 20.24
C GLU A 508 -52.19 6.93 19.70
N LYS A 509 -51.19 7.56 20.31
CA LYS A 509 -50.63 8.77 19.75
C LYS A 509 -49.18 8.52 19.40
N MET A 510 -48.75 7.29 19.68
CA MET A 510 -47.45 6.79 19.25
C MET A 510 -47.44 6.60 17.74
N TRP A 511 -46.25 6.45 17.19
CA TRP A 511 -46.07 6.23 15.76
C TRP A 511 -46.78 7.31 14.94
N LYS A 512 -46.52 8.55 15.30
CA LYS A 512 -47.06 9.69 14.57
C LYS A 512 -46.50 9.73 13.16
N GLU A 513 -47.25 10.35 12.25
CA GLU A 513 -46.82 10.47 10.86
C GLU A 513 -45.63 11.41 10.76
N ARG A 514 -44.66 11.04 9.92
CA ARG A 514 -43.50 11.88 9.65
C ARG A 514 -43.91 13.22 9.06
N PRO A 515 -43.26 14.31 9.51
CA PRO A 515 -43.55 15.67 9.02
C PRO A 515 -43.30 15.81 7.52
N ALA A 516 -44.13 16.62 6.86
CA ALA A 516 -43.97 16.87 5.42
C ALA A 516 -43.63 18.33 5.16
N ASN A 517 -42.78 18.57 4.17
CA ASN A 517 -42.41 19.93 3.80
C ASN A 517 -42.50 20.17 2.30
N ASP A 518 -42.04 21.34 1.85
CA ASP A 518 -42.22 21.77 0.47
C ASP A 518 -41.32 21.04 -0.52
N SER A 519 -40.41 20.20 -0.01
CA SER A 519 -39.49 19.46 -0.86
C SER A 519 -39.99 18.04 -1.12
N GLY A 520 -41.19 17.74 -0.63
CA GLY A 520 -41.76 16.41 -0.78
C GLY A 520 -42.87 16.37 -1.81
N SER A 521 -42.94 15.26 -2.55
CA SER A 521 -43.94 15.09 -3.59
C SER A 521 -45.34 14.88 -3.00
N LYS A 522 -45.38 14.45 -1.75
CA LYS A 522 -46.64 14.21 -1.02
C LYS A 522 -47.53 13.20 -1.74
N ASP A 523 -46.90 12.22 -2.39
CA ASP A 523 -47.61 11.15 -3.08
C ASP A 523 -48.43 10.33 -2.08
N PRO A 524 -49.76 10.34 -2.24
CA PRO A 524 -50.71 9.69 -1.33
C PRO A 524 -50.51 8.19 -1.18
N SER A 525 -49.78 7.57 -2.12
CA SER A 525 -49.55 6.13 -2.06
C SER A 525 -48.40 5.77 -1.14
N VAL A 526 -47.81 6.79 -0.51
CA VAL A 526 -46.74 6.57 0.45
C VAL A 526 -47.01 7.31 1.76
N ARG A 527 -46.99 6.56 2.86
CA ARG A 527 -47.12 7.14 4.19
C ARG A 527 -45.98 6.64 5.08
N VAL A 528 -45.53 7.50 5.99
CA VAL A 528 -44.46 7.14 6.91
C VAL A 528 -44.86 7.43 8.36
N ILE A 529 -44.70 6.44 9.22
CA ILE A 529 -44.89 6.64 10.65
C ILE A 529 -43.59 6.30 11.37
N GLN A 530 -43.40 6.86 12.57
CA GLN A 530 -42.13 6.73 13.25
C GLN A 530 -42.23 6.92 14.75
N ASN A 531 -41.30 6.31 15.48
CA ASN A 531 -41.15 6.51 16.91
C ASN A 531 -39.76 6.10 17.34
N GLY A 532 -39.20 6.80 18.32
CA GLY A 532 -37.88 6.49 18.81
C GLY A 532 -37.87 5.27 19.70
N LEU A 533 -36.69 4.68 19.89
CA LEU A 533 -36.51 3.60 20.84
C LEU A 533 -36.19 4.19 22.21
N GLU A 534 -36.54 3.48 23.27
CA GLU A 534 -36.25 3.95 24.62
C GLU A 534 -34.84 3.54 25.00
N ASN A 535 -34.41 2.38 24.53
CA ASN A 535 -33.00 1.99 24.56
C ASN A 535 -32.45 1.88 23.12
N ARG A 536 -31.33 2.52 22.80
CA ARG A 536 -30.82 2.32 21.44
C ARG A 536 -30.22 0.92 21.19
N ASN A 537 -29.79 0.23 22.25
CA ASN A 537 -29.18 -1.09 22.09
C ASN A 537 -30.18 -2.16 21.63
N ASP A 538 -31.46 -1.84 21.79
CA ASP A 538 -32.55 -2.73 21.37
C ASP A 538 -32.73 -2.76 19.86
N ALA A 539 -32.17 -1.75 19.20
CA ALA A 539 -32.43 -1.47 17.78
C ALA A 539 -32.38 -2.70 16.88
N ALA A 540 -31.25 -3.40 16.86
CA ALA A 540 -31.05 -4.54 15.98
C ALA A 540 -32.17 -5.57 16.11
N LYS A 541 -32.58 -5.84 17.34
CA LYS A 541 -33.67 -6.79 17.60
C LYS A 541 -35.00 -6.24 17.12
N LYS A 542 -35.28 -4.98 17.45
CA LYS A 542 -36.55 -4.36 17.15
C LYS A 542 -36.77 -4.18 15.65
N ILE A 543 -35.69 -3.89 14.94
CA ILE A 543 -35.75 -3.77 13.48
C ILE A 543 -36.14 -5.10 12.87
N ASP A 544 -35.49 -6.17 13.32
CA ASP A 544 -35.81 -7.52 12.88
C ASP A 544 -37.26 -7.86 13.23
N GLU A 545 -37.72 -7.35 14.36
CA GLU A 545 -39.11 -7.54 14.77
C GLU A 545 -40.07 -6.74 13.89
N LEU A 546 -39.74 -5.47 13.68
CA LEU A 546 -40.54 -4.60 12.82
C LEU A 546 -40.65 -5.18 11.40
N ARG A 547 -39.62 -5.88 10.97
CA ARG A 547 -39.60 -6.51 9.66
C ARG A 547 -40.26 -7.88 9.70
N ALA A 548 -40.26 -8.51 10.88
CA ALA A 548 -40.93 -9.78 11.06
C ALA A 548 -42.44 -9.60 10.94
N LEU A 549 -42.91 -8.38 11.20
CA LEU A 549 -44.31 -8.03 11.05
C LEU A 549 -44.80 -8.29 9.64
N GLN A 550 -46.08 -8.59 9.50
CA GLN A 550 -46.66 -8.85 8.18
C GLN A 550 -47.45 -7.65 7.70
N PRO A 551 -47.08 -7.13 6.52
CA PRO A 551 -47.67 -5.93 5.91
C PRO A 551 -49.17 -6.08 5.61
N PRO A 552 -49.87 -4.96 5.58
CA PRO A 552 -51.27 -4.92 5.20
C PRO A 552 -51.30 -5.39 3.81
N HIS A 553 -52.32 -6.12 3.41
CA HIS A 553 -52.29 -6.71 2.08
C HIS A 553 -52.18 -5.55 1.11
N GLY A 554 -51.24 -5.68 0.19
CA GLY A 554 -50.96 -4.64 -0.77
C GLY A 554 -50.02 -3.52 -0.41
N ILE A 555 -49.44 -3.49 0.78
CA ILE A 555 -48.47 -2.43 1.05
C ILE A 555 -47.10 -2.99 1.40
N GLU A 556 -46.07 -2.45 0.76
CA GLU A 556 -44.68 -2.83 1.08
C GLU A 556 -44.16 -1.99 2.24
N VAL A 557 -43.54 -2.64 3.22
CA VAL A 557 -43.04 -1.93 4.39
C VAL A 557 -41.52 -2.02 4.53
N PHE A 558 -40.87 -0.87 4.47
CA PHE A 558 -39.42 -0.79 4.68
C PHE A 558 -39.14 -0.15 6.04
N VAL A 559 -38.28 -0.78 6.82
CA VAL A 559 -37.88 -0.23 8.11
C VAL A 559 -36.63 0.62 7.97
N GLY A 560 -36.75 1.90 8.32
CA GLY A 560 -35.63 2.82 8.20
C GLY A 560 -35.34 3.57 9.48
N GLY A 561 -34.72 4.74 9.35
CA GLY A 561 -34.28 5.51 10.49
C GLY A 561 -32.79 5.30 10.70
N THR A 562 -32.13 6.28 11.32
CA THR A 562 -30.68 6.23 11.53
C THR A 562 -30.22 4.95 12.25
N PRO A 563 -30.95 4.48 13.28
CA PRO A 563 -30.54 3.18 13.84
C PRO A 563 -30.60 2.04 12.82
N ALA A 564 -31.64 2.03 11.99
CA ALA A 564 -31.79 0.99 10.98
C ALA A 564 -30.70 1.07 9.92
N LEU A 565 -30.35 2.30 9.54
CA LEU A 565 -29.27 2.52 8.58
C LEU A 565 -27.95 1.96 9.09
N GLU A 566 -27.68 2.19 10.38
CA GLU A 566 -26.43 1.75 10.98
C GLU A 566 -26.40 0.24 11.19
N GLN A 567 -27.49 -0.32 11.69
CA GLN A 567 -27.55 -1.74 11.97
C GLN A 567 -27.50 -2.59 10.70
N ASP A 568 -28.13 -2.10 9.63
CA ASP A 568 -28.10 -2.81 8.36
C ASP A 568 -26.70 -2.81 7.78
N SER A 569 -25.98 -1.70 7.97
CA SER A 569 -24.61 -1.58 7.50
C SER A 569 -23.69 -2.55 8.22
N ILE A 570 -23.88 -2.65 9.54
CA ILE A 570 -23.09 -3.57 10.36
C ILE A 570 -23.40 -5.02 9.99
N HIS A 571 -24.67 -5.30 9.71
CA HIS A 571 -25.09 -6.64 9.31
C HIS A 571 -24.41 -7.05 8.00
N SER A 572 -24.22 -6.09 7.10
CA SER A 572 -23.61 -6.34 5.81
C SER A 572 -22.14 -6.74 5.95
N LEU A 573 -21.44 -6.09 6.86
CA LEU A 573 -20.01 -6.31 7.05
C LEU A 573 -19.73 -7.68 7.67
N PHE A 574 -20.47 -8.02 8.73
CA PHE A 574 -20.32 -9.32 9.37
C PHE A 574 -20.76 -10.45 8.46
N ASP A 575 -21.61 -10.12 7.49
CA ASP A 575 -22.10 -11.10 6.53
C ASP A 575 -21.01 -11.53 5.56
N LYS A 576 -20.26 -10.56 5.04
CA LYS A 576 -19.28 -10.83 4.00
C LYS A 576 -17.84 -10.89 4.53
N LEU A 577 -17.70 -10.81 5.85
CA LEU A 577 -16.38 -10.89 6.48
C LEU A 577 -15.73 -12.29 6.39
N PRO A 578 -16.51 -13.38 6.59
CA PRO A 578 -15.89 -14.70 6.41
C PRO A 578 -15.31 -14.91 5.01
N LEU A 579 -16.04 -14.51 3.97
CA LEU A 579 -15.58 -14.68 2.60
C LEU A 579 -14.32 -13.88 2.34
N MET A 580 -14.27 -12.65 2.85
CA MET A 580 -13.09 -11.80 2.68
C MET A 580 -11.86 -12.42 3.33
N ALA A 581 -12.04 -12.94 4.54
CA ALA A 581 -10.95 -13.54 5.28
C ALA A 581 -10.40 -14.75 4.54
N LEU A 582 -11.29 -15.53 3.93
CA LEU A 582 -10.88 -16.70 3.17
C LEU A 582 -10.09 -16.28 1.93
N ILE A 583 -10.66 -15.36 1.15
CA ILE A 583 -9.98 -14.83 -0.04
C ILE A 583 -8.65 -14.20 0.35
N LEU A 584 -8.65 -13.48 1.47
CA LEU A 584 -7.44 -12.86 1.99
C LEU A 584 -6.36 -13.89 2.31
N ILE A 585 -6.73 -14.90 3.09
CA ILE A 585 -5.77 -15.92 3.53
C ILE A 585 -5.33 -16.82 2.38
N VAL A 586 -6.27 -17.22 1.53
CA VAL A 586 -5.95 -18.12 0.42
C VAL A 586 -4.98 -17.49 -0.58
N THR A 587 -5.35 -16.34 -1.13
CA THR A 587 -4.56 -15.71 -2.19
C THR A 587 -3.16 -15.29 -1.73
N THR A 588 -3.03 -14.95 -0.45
CA THR A 588 -1.72 -14.61 0.09
C THR A 588 -0.90 -15.87 0.30
N THR A 589 -1.55 -16.94 0.75
CA THR A 589 -0.90 -18.23 0.93
C THR A 589 -0.48 -18.81 -0.42
N VAL A 590 -1.32 -18.59 -1.43
CA VAL A 590 -1.01 -19.01 -2.79
C VAL A 590 0.19 -18.26 -3.34
N LEU A 591 0.22 -16.95 -3.08
CA LEU A 591 1.36 -16.12 -3.50
C LEU A 591 2.63 -16.50 -2.75
N MET A 592 2.47 -17.08 -1.56
CA MET A 592 3.62 -17.52 -0.77
C MET A 592 4.06 -18.91 -1.20
N PHE A 593 3.16 -19.68 -1.80
CA PHE A 593 3.53 -20.92 -2.46
C PHE A 593 4.50 -20.61 -3.58
N LEU A 594 4.18 -19.56 -4.34
CA LEU A 594 4.97 -19.15 -5.50
C LEU A 594 6.31 -18.54 -5.11
N ALA A 595 6.35 -17.87 -3.97
CA ALA A 595 7.55 -17.14 -3.55
C ALA A 595 8.57 -18.02 -2.85
N PHE A 596 8.08 -18.89 -1.96
CA PHE A 596 8.97 -19.71 -1.14
C PHE A 596 9.43 -20.98 -1.84
N GLY A 597 8.48 -21.69 -2.44
CA GLY A 597 8.75 -23.01 -2.97
C GLY A 597 8.58 -24.02 -1.87
N SER A 598 7.54 -23.81 -1.06
CA SER A 598 7.26 -24.65 0.09
C SER A 598 5.77 -24.68 0.42
N VAL A 599 5.34 -25.73 1.11
CA VAL A 599 3.98 -25.83 1.59
C VAL A 599 3.95 -25.51 3.08
N VAL A 600 5.03 -25.88 3.76
CA VAL A 600 5.15 -25.68 5.20
C VAL A 600 5.21 -24.20 5.59
N LEU A 601 6.09 -23.45 4.93
CA LEU A 601 6.31 -22.04 5.27
C LEU A 601 5.09 -21.12 5.08
N PRO A 602 4.35 -21.26 3.97
CA PRO A 602 3.14 -20.42 3.87
C PRO A 602 2.11 -20.70 4.95
N ILE A 603 1.92 -21.97 5.29
CA ILE A 603 1.00 -22.35 6.36
C ILE A 603 1.53 -21.82 7.69
N LYS A 604 2.85 -21.77 7.82
CA LYS A 604 3.48 -21.21 9.01
C LYS A 604 3.34 -19.70 9.06
N ALA A 605 3.52 -19.05 7.92
CA ALA A 605 3.48 -17.60 7.83
C ALA A 605 2.08 -17.04 8.06
N ALA A 606 1.08 -17.76 7.55
CA ALA A 606 -0.32 -17.36 7.73
C ALA A 606 -0.70 -17.37 9.20
N LEU A 607 -0.09 -18.29 9.96
CA LEU A 607 -0.31 -18.36 11.40
C LEU A 607 0.34 -17.18 12.09
N MET A 608 1.48 -16.75 11.58
CA MET A 608 2.19 -15.59 12.12
C MET A 608 1.40 -14.32 11.88
N SER A 609 0.83 -14.18 10.69
CA SER A 609 0.03 -13.02 10.34
C SER A 609 -1.22 -12.95 11.21
N ALA A 610 -1.92 -14.07 11.32
CA ALA A 610 -3.17 -14.14 12.08
C ALA A 610 -2.95 -13.84 13.56
N LEU A 611 -1.72 -14.03 14.03
CA LEU A 611 -1.40 -13.76 15.42
C LEU A 611 -0.98 -12.31 15.64
N THR A 612 -0.25 -11.73 14.69
CA THR A 612 0.08 -10.31 14.76
C THR A 612 -1.18 -9.47 14.57
N LEU A 613 -2.07 -9.94 13.69
CA LEU A 613 -3.33 -9.27 13.46
C LEU A 613 -4.21 -9.28 14.71
N GLY A 614 -4.41 -10.46 15.27
CA GLY A 614 -5.24 -10.63 16.45
C GLY A 614 -4.67 -9.91 17.67
N SER A 615 -3.35 -9.90 17.78
CA SER A 615 -2.68 -9.23 18.88
C SER A 615 -2.81 -7.72 18.77
N THR A 616 -2.62 -7.20 17.56
CA THR A 616 -2.70 -5.77 17.31
C THR A 616 -4.11 -5.23 17.54
N MET A 617 -5.09 -5.89 16.96
CA MET A 617 -6.48 -5.51 17.13
C MET A 617 -6.90 -5.57 18.59
N GLY A 618 -6.20 -6.40 19.35
CA GLY A 618 -6.45 -6.52 20.78
C GLY A 618 -5.96 -5.31 21.55
N ILE A 619 -4.74 -4.88 21.25
CA ILE A 619 -4.19 -3.68 21.86
C ILE A 619 -5.01 -2.47 21.44
N LEU A 620 -5.50 -2.50 20.20
CA LEU A 620 -6.37 -1.44 19.68
C LEU A 620 -7.66 -1.34 20.48
N THR A 621 -8.30 -2.48 20.69
CA THR A 621 -9.52 -2.54 21.48
C THR A 621 -9.26 -2.10 22.91
N TRP A 622 -8.10 -2.51 23.42
CA TRP A 622 -7.68 -2.16 24.77
C TRP A 622 -7.46 -0.65 24.91
N MET A 623 -7.08 -0.01 23.80
CA MET A 623 -6.77 1.42 23.80
C MET A 623 -7.97 2.31 23.55
N PHE A 624 -8.85 1.91 22.63
CA PHE A 624 -9.92 2.78 22.18
C PHE A 624 -11.30 2.39 22.71
N VAL A 625 -11.47 1.14 23.12
CA VAL A 625 -12.73 0.72 23.74
C VAL A 625 -12.58 0.71 25.25
N ASP A 626 -11.61 -0.05 25.75
CA ASP A 626 -11.32 -0.09 27.17
C ASP A 626 -10.75 1.25 27.64
N GLY A 627 -10.20 2.01 26.70
CA GLY A 627 -9.86 3.40 26.94
C GLY A 627 -8.45 3.69 27.40
N HIS A 628 -7.55 2.74 27.30
CA HIS A 628 -6.21 2.99 27.81
C HIS A 628 -5.35 3.71 26.85
N GLY A 629 -4.99 4.90 27.26
CA GLY A 629 -4.19 5.79 26.45
C GLY A 629 -4.96 7.02 26.03
N SER A 630 -6.23 7.05 26.37
CA SER A 630 -7.14 8.12 25.96
C SER A 630 -6.77 9.48 26.54
N GLY A 631 -6.34 9.49 27.80
CA GLY A 631 -6.01 10.72 28.49
C GLY A 631 -4.84 11.46 27.88
N LEU A 632 -3.74 10.73 27.66
CA LEU A 632 -2.55 11.31 27.05
C LEU A 632 -2.80 11.76 25.62
N MET A 633 -3.58 10.95 24.93
CA MET A 633 -3.88 11.14 23.54
C MET A 633 -5.08 12.00 23.20
N ASN A 634 -5.82 12.46 24.20
CA ASN A 634 -6.98 13.32 24.04
C ASN A 634 -8.11 12.81 23.16
N TYR A 635 -8.54 11.59 23.39
CA TYR A 635 -9.64 10.99 22.64
C TYR A 635 -10.62 10.33 23.59
N THR A 636 -11.85 10.13 23.15
CA THR A 636 -12.93 9.56 23.94
C THR A 636 -13.13 8.07 23.64
N PRO A 637 -12.98 7.23 24.67
CA PRO A 637 -13.24 5.78 24.58
C PRO A 637 -14.67 5.50 24.13
N GLN A 638 -14.81 4.71 23.07
CA GLN A 638 -16.10 4.46 22.45
C GLN A 638 -16.00 3.27 21.50
N PRO A 639 -17.15 2.76 21.03
CA PRO A 639 -17.08 1.71 19.99
C PRO A 639 -16.34 2.17 18.74
N LEU A 640 -15.89 1.20 17.94
CA LEU A 640 -15.16 1.51 16.71
C LEU A 640 -16.12 1.66 15.54
N MET A 641 -15.68 2.37 14.51
CA MET A 641 -16.42 2.42 13.26
C MET A 641 -16.31 1.06 12.59
N ALA A 642 -17.44 0.50 12.17
CA ALA A 642 -17.48 -0.87 11.66
C ALA A 642 -16.64 -1.09 10.38
N PRO A 643 -16.78 -0.21 9.37
CA PRO A 643 -15.96 -0.45 8.17
C PRO A 643 -14.45 -0.37 8.43
N MET A 644 -14.06 0.33 9.49
CA MET A 644 -12.64 0.43 9.85
C MET A 644 -12.06 -0.94 10.19
N ILE A 645 -12.91 -1.88 10.56
CA ILE A 645 -12.46 -3.21 10.96
C ILE A 645 -12.00 -4.00 9.73
N GLY A 646 -12.68 -3.83 8.60
CA GLY A 646 -12.31 -4.52 7.39
C GLY A 646 -11.02 -3.93 6.85
N LEU A 647 -10.95 -2.61 6.90
CA LEU A 647 -9.76 -1.88 6.49
C LEU A 647 -8.55 -2.26 7.31
N ILE A 648 -8.73 -2.35 8.63
CA ILE A 648 -7.62 -2.62 9.53
C ILE A 648 -7.17 -4.08 9.43
N ILE A 649 -8.07 -4.96 9.03
CA ILE A 649 -7.71 -6.36 8.84
C ILE A 649 -6.83 -6.50 7.59
N ALA A 650 -7.30 -5.91 6.49
CA ALA A 650 -6.59 -5.96 5.22
C ALA A 650 -5.21 -5.33 5.31
N VAL A 651 -5.14 -4.15 5.91
CA VAL A 651 -3.88 -3.39 6.00
C VAL A 651 -2.85 -4.09 6.89
N ILE A 652 -3.28 -4.52 8.07
CA ILE A 652 -2.38 -5.22 9.00
C ILE A 652 -1.91 -6.55 8.41
N TRP A 653 -2.82 -7.28 7.81
CA TRP A 653 -2.49 -8.58 7.21
C TRP A 653 -1.48 -8.41 6.06
N GLY A 654 -1.73 -7.42 5.21
CA GLY A 654 -0.85 -7.14 4.10
C GLY A 654 0.54 -6.73 4.55
N LEU A 655 0.59 -5.88 5.57
CA LEU A 655 1.86 -5.44 6.15
C LEU A 655 2.63 -6.62 6.72
N SER A 656 1.93 -7.48 7.46
CA SER A 656 2.53 -8.67 8.05
C SER A 656 3.06 -9.62 6.98
N THR A 657 2.26 -9.83 5.93
CA THR A 657 2.61 -10.74 4.86
C THR A 657 3.78 -10.21 4.03
N ASP A 658 3.80 -8.90 3.79
CA ASP A 658 4.83 -8.30 2.96
C ASP A 658 6.20 -8.36 3.64
N TYR A 659 6.24 -8.08 4.93
CA TYR A 659 7.49 -8.10 5.69
C TYR A 659 8.03 -9.52 5.85
N GLU A 660 7.12 -10.50 5.86
CA GLU A 660 7.50 -11.90 5.96
C GLU A 660 8.12 -12.41 4.67
N VAL A 661 7.45 -12.16 3.55
CA VAL A 661 7.89 -12.61 2.24
C VAL A 661 9.31 -12.10 1.93
N PHE A 662 9.58 -10.86 2.29
CA PHE A 662 10.90 -10.27 2.05
C PHE A 662 11.98 -10.96 2.88
N LEU A 663 11.71 -11.15 4.17
CA LEU A 663 12.67 -11.77 5.07
C LEU A 663 12.92 -13.23 4.74
N VAL A 664 11.87 -13.99 4.51
CA VAL A 664 11.97 -15.43 4.35
C VAL A 664 12.56 -15.86 2.99
N SER A 665 12.18 -15.16 1.94
CA SER A 665 12.61 -15.53 0.59
C SER A 665 14.11 -15.33 0.37
N ARG A 666 14.76 -14.61 1.28
CA ARG A 666 16.21 -14.45 1.23
C ARG A 666 16.88 -15.63 1.94
N MET A 667 16.15 -16.23 2.88
CA MET A 667 16.61 -17.42 3.57
C MET A 667 16.37 -18.65 2.70
N VAL A 668 15.36 -18.57 1.84
CA VAL A 668 15.14 -19.57 0.81
C VAL A 668 16.35 -19.62 -0.10
N GLU A 669 16.93 -18.45 -0.33
CA GLU A 669 18.09 -18.32 -1.22
C GLU A 669 19.23 -19.18 -0.72
N ALA A 670 19.40 -19.25 0.60
CA ALA A 670 20.46 -20.07 1.19
C ALA A 670 20.24 -21.54 0.82
N ARG A 671 18.99 -22.00 0.88
CA ARG A 671 18.64 -23.37 0.53
C ARG A 671 18.96 -23.62 -0.94
N GLU A 672 18.67 -22.65 -1.79
CA GLU A 672 18.92 -22.73 -3.23
C GLU A 672 20.41 -22.86 -3.50
N ARG A 673 21.20 -22.11 -2.72
CA ARG A 673 22.67 -22.10 -2.81
C ARG A 673 23.35 -23.35 -2.24
N GLY A 674 22.60 -24.17 -1.49
CA GLY A 674 23.12 -25.36 -0.88
C GLY A 674 23.56 -25.11 0.55
N MET A 675 23.43 -23.87 0.99
CA MET A 675 23.77 -23.51 2.35
C MET A 675 22.78 -24.21 3.28
N SER A 676 23.27 -24.67 4.42
CA SER A 676 22.41 -25.37 5.38
C SER A 676 21.36 -24.48 6.00
N THR A 677 20.38 -25.09 6.64
CA THR A 677 19.29 -24.34 7.23
C THR A 677 19.81 -23.34 8.25
N ALA A 678 20.70 -23.77 9.10
CA ALA A 678 20.95 -23.08 10.34
C ALA A 678 21.48 -21.71 10.08
N GLU A 679 22.34 -21.51 9.11
CA GLU A 679 22.72 -20.12 8.87
C GLU A 679 22.15 -19.62 7.56
N ALA A 680 21.35 -20.44 6.88
CA ALA A 680 20.41 -19.92 5.88
C ALA A 680 19.47 -18.94 6.56
N ILE A 681 18.98 -19.34 7.73
CA ILE A 681 18.13 -18.52 8.56
C ILE A 681 18.88 -17.25 9.00
N ARG A 682 20.18 -17.36 9.21
CA ARG A 682 20.98 -16.22 9.65
C ARG A 682 21.41 -15.34 8.47
N ILE A 683 21.73 -15.94 7.32
CA ILE A 683 22.14 -15.18 6.14
C ILE A 683 21.04 -14.22 5.71
N GLY A 684 19.80 -14.72 5.71
CA GLY A 684 18.66 -13.91 5.32
C GLY A 684 18.31 -12.83 6.33
N THR A 685 18.49 -13.12 7.61
CA THR A 685 18.17 -12.16 8.66
C THR A 685 19.16 -11.00 8.67
N ALA A 686 20.42 -11.29 8.39
CA ALA A 686 21.47 -10.28 8.42
C ALA A 686 21.47 -9.41 7.16
N THR A 687 21.25 -10.04 6.02
CA THR A 687 21.20 -9.33 4.74
C THR A 687 20.13 -8.25 4.75
N THR A 688 19.01 -8.57 5.39
CA THR A 688 17.85 -7.69 5.42
C THR A 688 17.86 -6.77 6.64
N GLY A 689 18.53 -7.21 7.70
CA GLY A 689 18.51 -6.56 9.00
C GLY A 689 18.48 -5.05 9.05
N ARG A 690 19.42 -4.40 8.38
CA ARG A 690 19.54 -2.95 8.45
C ARG A 690 18.54 -2.24 7.53
N LEU A 691 18.16 -2.92 6.45
CA LEU A 691 17.17 -2.37 5.52
C LEU A 691 15.78 -2.31 6.15
N ILE A 692 15.37 -3.44 6.73
CA ILE A 692 14.04 -3.56 7.31
C ILE A 692 13.80 -2.52 8.40
N THR A 693 14.78 -2.34 9.28
CA THR A 693 14.67 -1.34 10.34
C THR A 693 14.54 0.05 9.75
N GLY A 694 15.40 0.38 8.79
CA GLY A 694 15.36 1.66 8.12
C GLY A 694 14.04 1.90 7.41
N ALA A 695 13.52 0.86 6.77
CA ALA A 695 12.25 0.93 6.08
C ALA A 695 11.10 1.08 7.07
N ALA A 696 11.11 0.25 8.11
CA ALA A 696 10.06 0.29 9.14
C ALA A 696 10.09 1.61 9.89
N LEU A 697 11.29 2.11 10.16
CA LEU A 697 11.44 3.38 10.86
C LEU A 697 10.80 4.52 10.08
N ILE A 698 11.04 4.52 8.76
CA ILE A 698 10.48 5.52 7.87
C ILE A 698 8.95 5.44 7.87
N LEU A 699 8.43 4.23 7.84
CA LEU A 699 6.98 4.02 7.87
C LEU A 699 6.40 4.42 9.23
N ALA A 700 7.15 4.11 10.29
CA ALA A 700 6.74 4.44 11.64
C ALA A 700 6.63 5.96 11.83
N VAL A 701 7.56 6.68 11.21
CA VAL A 701 7.59 8.13 11.29
C VAL A 701 6.35 8.74 10.62
N VAL A 702 6.00 8.22 9.45
CA VAL A 702 4.84 8.69 8.71
C VAL A 702 3.56 8.37 9.47
N ALA A 703 3.44 7.13 9.93
CA ALA A 703 2.27 6.71 10.69
C ALA A 703 2.17 7.47 12.01
N GLY A 704 3.33 7.74 12.61
CA GLY A 704 3.39 8.41 13.89
C GLY A 704 2.89 9.85 13.88
N ALA A 705 2.75 10.42 12.68
CA ALA A 705 2.24 11.78 12.56
C ALA A 705 0.72 11.80 12.51
N PHE A 706 0.12 10.68 12.12
CA PHE A 706 -1.33 10.60 11.99
C PHE A 706 -2.01 10.15 13.28
N VAL A 707 -1.23 9.71 14.25
CA VAL A 707 -1.79 9.29 15.54
C VAL A 707 -2.25 10.50 16.34
N PHE A 708 -1.90 11.69 15.88
CA PHE A 708 -2.28 12.93 16.57
C PHE A 708 -3.51 13.56 15.95
N SER A 709 -4.14 12.86 15.01
CA SER A 709 -5.34 13.36 14.34
C SER A 709 -6.48 13.54 15.34
N ASP A 710 -7.36 14.49 15.06
CA ASP A 710 -8.51 14.74 15.91
C ASP A 710 -9.66 13.79 15.57
N LEU A 711 -9.63 13.24 14.37
CA LEU A 711 -10.60 12.23 13.96
C LEU A 711 -10.18 10.89 14.57
N VAL A 712 -11.04 10.32 15.40
CA VAL A 712 -10.66 9.16 16.21
C VAL A 712 -10.43 7.89 15.37
N MET A 713 -11.13 7.76 14.25
CA MET A 713 -10.96 6.59 13.41
C MET A 713 -9.64 6.66 12.65
N MET A 714 -9.08 7.87 12.55
CA MET A 714 -7.77 8.05 11.96
C MET A 714 -6.69 7.61 12.94
N LYS A 715 -6.90 7.93 14.22
CA LYS A 715 -5.98 7.51 15.28
C LYS A 715 -5.92 6.00 15.39
N TYR A 716 -7.09 5.37 15.30
CA TYR A 716 -7.21 3.92 15.33
C TYR A 716 -6.37 3.28 14.24
N LEU A 717 -6.52 3.79 13.02
CA LEU A 717 -5.80 3.26 11.86
C LEU A 717 -4.29 3.46 11.98
N ALA A 718 -3.88 4.67 12.34
CA ALA A 718 -2.46 5.01 12.43
C ALA A 718 -1.75 4.21 13.52
N PHE A 719 -2.41 4.03 14.65
CA PHE A 719 -1.85 3.24 15.75
C PHE A 719 -1.79 1.76 15.36
N GLY A 720 -2.77 1.30 14.60
CA GLY A 720 -2.81 -0.07 14.12
C GLY A 720 -1.59 -0.38 13.27
N LEU A 721 -1.14 0.62 12.52
CA LEU A 721 0.07 0.49 11.72
C LEU A 721 1.30 0.38 12.61
N LEU A 722 1.50 1.37 13.48
CA LEU A 722 2.65 1.42 14.38
C LEU A 722 2.84 0.13 15.16
N ILE A 723 1.76 -0.36 15.75
CA ILE A 723 1.80 -1.58 16.54
C ILE A 723 2.21 -2.77 15.68
N ALA A 724 1.48 -3.01 14.60
CA ALA A 724 1.76 -4.12 13.70
C ALA A 724 3.16 -4.00 13.09
N LEU A 725 3.59 -2.76 12.83
CA LEU A 725 4.90 -2.51 12.25
C LEU A 725 6.02 -2.85 13.23
N LEU A 726 5.95 -2.27 14.42
CA LEU A 726 6.95 -2.53 15.46
C LEU A 726 6.95 -4.00 15.84
N LEU A 727 5.78 -4.62 15.84
CA LEU A 727 5.66 -6.04 16.13
C LEU A 727 6.32 -6.88 15.04
N ASP A 728 6.04 -6.55 13.78
CA ASP A 728 6.56 -7.31 12.65
C ASP A 728 8.05 -7.06 12.42
N ALA A 729 8.55 -5.93 12.89
CA ALA A 729 9.94 -5.56 12.65
C ALA A 729 10.85 -5.87 13.84
N THR A 730 10.25 -6.34 14.94
CA THR A 730 11.03 -6.69 16.12
C THR A 730 10.69 -8.09 16.63
N ILE A 731 9.55 -8.21 17.30
CA ILE A 731 9.15 -9.46 17.94
C ILE A 731 8.97 -10.60 16.94
N ILE A 732 8.18 -10.37 15.90
CA ILE A 732 7.95 -11.37 14.87
C ILE A 732 9.24 -11.72 14.13
N ARG A 733 9.90 -10.70 13.60
CA ARG A 733 11.04 -10.87 12.71
C ARG A 733 12.29 -11.42 13.38
N MET A 734 12.71 -10.74 14.43
CA MET A 734 13.88 -11.09 15.20
C MET A 734 13.80 -12.36 16.02
N PHE A 735 12.65 -12.64 16.60
CA PHE A 735 12.56 -13.81 17.43
C PHE A 735 11.63 -14.94 17.05
N LEU A 736 10.36 -14.67 16.86
CA LEU A 736 9.44 -15.76 16.61
C LEU A 736 9.71 -16.59 15.38
N VAL A 737 10.05 -15.93 14.29
CA VAL A 737 10.34 -16.54 13.00
C VAL A 737 11.61 -17.40 13.02
N PRO A 738 12.75 -16.85 13.51
CA PRO A 738 13.93 -17.73 13.54
C PRO A 738 13.73 -18.95 14.45
N ALA A 739 13.11 -18.75 15.60
CA ALA A 739 12.81 -19.83 16.53
C ALA A 739 12.03 -20.95 15.84
N VAL A 740 10.78 -20.67 15.51
CA VAL A 740 9.88 -21.67 14.92
C VAL A 740 10.46 -22.37 13.68
N MET A 741 11.19 -21.63 12.85
CA MET A 741 11.72 -22.19 11.61
C MET A 741 12.79 -23.27 11.82
N LYS A 742 13.59 -23.09 12.87
CA LYS A 742 14.67 -24.02 13.18
C LYS A 742 14.19 -25.43 13.50
N LEU A 743 13.07 -25.51 14.19
CA LEU A 743 12.64 -26.74 14.84
C LEU A 743 12.02 -27.69 13.88
N LEU A 744 11.29 -27.14 12.94
CA LEU A 744 10.91 -27.90 11.80
C LEU A 744 12.11 -27.72 10.91
N GLY A 745 13.24 -28.23 11.34
CA GLY A 745 14.48 -27.71 10.84
C GLY A 745 14.78 -27.78 9.36
N ASP A 746 14.52 -28.91 8.72
CA ASP A 746 14.75 -29.00 7.30
C ASP A 746 13.47 -29.35 6.58
N ASP A 747 12.40 -29.44 7.34
CA ASP A 747 11.07 -29.75 6.81
C ASP A 747 10.40 -28.49 6.28
N CYS A 748 10.98 -27.34 6.66
CA CYS A 748 10.46 -26.03 6.26
C CYS A 748 10.20 -25.94 4.76
N TRP A 749 11.19 -26.40 3.99
CA TRP A 749 11.08 -26.44 2.54
C TRP A 749 10.62 -27.81 2.10
N TRP A 750 9.60 -27.85 1.29
CA TRP A 750 9.19 -29.14 0.85
C TRP A 750 8.51 -28.99 -0.45
N ALA A 751 8.99 -29.73 -1.43
CA ALA A 751 8.48 -29.57 -2.76
C ALA A 751 7.91 -30.78 -3.40
N PRO A 752 6.62 -31.01 -3.15
CA PRO A 752 5.93 -32.08 -3.83
C PRO A 752 6.09 -31.84 -5.31
N ARG A 753 6.65 -32.87 -5.94
CA ARG A 753 6.81 -32.93 -7.38
C ARG A 753 7.54 -31.76 -8.02
N TRP A 754 6.85 -31.24 -9.02
CA TRP A 754 7.28 -30.17 -9.88
C TRP A 754 6.87 -28.83 -9.28
N MET A 755 6.41 -28.84 -8.03
CA MET A 755 5.98 -27.61 -7.38
C MET A 755 7.14 -26.63 -7.29
N LYS A 756 8.31 -27.16 -6.97
CA LYS A 756 9.54 -26.36 -6.88
C LYS A 756 10.11 -26.12 -8.27
N ARG A 757 10.83 -25.02 -8.45
CA ARG A 757 11.43 -24.73 -9.76
C ARG A 757 12.74 -25.48 -9.99
N VAL A 758 12.93 -25.95 -11.22
CA VAL A 758 14.16 -26.66 -11.59
C VAL A 758 15.25 -25.60 -11.66
N GLN A 759 16.53 -25.96 -11.55
CA GLN A 759 17.45 -24.86 -11.46
C GLN A 759 17.97 -24.65 -12.85
N GLU A 760 18.09 -23.39 -13.17
CA GLU A 760 18.40 -22.93 -14.49
C GLU A 760 19.71 -23.45 -14.98
N LYS A 761 19.91 -23.36 -16.28
CA LYS A 761 21.15 -23.80 -16.83
C LYS A 761 22.13 -22.76 -16.36
N GLU A 762 23.24 -23.24 -15.86
CA GLU A 762 24.24 -22.33 -15.43
C GLU A 762 25.04 -21.98 -16.64
N PHE A 763 25.35 -20.70 -16.79
CA PHE A 763 26.18 -20.18 -17.85
C PHE A 763 27.58 -20.75 -17.73
N ASN A 764 28.15 -21.17 -18.85
CA ASN A 764 29.44 -21.84 -18.83
C ASN A 764 30.44 -21.26 -19.83
N ILE A 765 31.64 -21.82 -19.83
CA ILE A 765 32.73 -21.34 -20.68
C ILE A 765 32.40 -21.55 -22.16
N PHE A 766 31.55 -22.52 -22.45
CA PHE A 766 31.12 -22.78 -23.82
C PHE A 766 30.32 -21.61 -24.37
N GLU A 767 29.30 -21.19 -23.62
CA GLU A 767 28.45 -20.09 -24.03
C GLU A 767 29.22 -18.77 -24.04
N MET A 768 30.27 -18.69 -23.21
CA MET A 768 31.08 -17.49 -23.13
C MET A 768 31.82 -17.22 -24.44
N LEU A 769 32.60 -18.20 -24.89
CA LEU A 769 33.40 -18.05 -26.10
C LEU A 769 32.58 -18.22 -27.37
N ARG A 770 31.36 -18.72 -27.23
CA ARG A 770 30.41 -18.74 -28.33
C ARG A 770 30.06 -17.31 -28.71
N ILE A 771 30.12 -16.42 -27.72
CA ILE A 771 29.86 -15.01 -27.94
C ILE A 771 31.09 -14.31 -28.50
N ASP A 772 32.26 -14.59 -27.92
CA ASP A 772 33.49 -13.92 -28.29
C ASP A 772 34.14 -14.45 -29.56
N GLU A 773 33.88 -15.72 -29.89
CA GLU A 773 34.51 -16.34 -31.06
C GLU A 773 33.51 -16.92 -32.03
N GLY A 774 32.24 -16.93 -31.64
CA GLY A 774 31.18 -17.39 -32.53
C GLY A 774 31.00 -18.89 -32.57
N LEU A 775 29.88 -19.31 -33.15
CA LEU A 775 29.58 -20.73 -33.33
C LEU A 775 29.10 -20.99 -34.75
N ARG A 776 29.91 -21.69 -35.52
CA ARG A 776 29.58 -21.99 -36.91
C ARG A 776 29.57 -23.50 -37.14
N LEU A 777 28.48 -24.00 -37.70
CA LEU A 777 28.32 -25.43 -37.91
C LEU A 777 28.87 -25.87 -39.26
N LYS A 778 29.25 -24.91 -40.09
CA LYS A 778 29.81 -25.21 -41.40
C LYS A 778 31.17 -24.54 -41.58
N ILE A 779 32.07 -25.23 -42.27
CA ILE A 779 33.41 -24.72 -42.53
C ILE A 779 33.40 -23.33 -43.16
N TYR A 780 34.16 -22.42 -42.56
CA TYR A 780 34.27 -21.06 -43.07
C TYR A 780 35.72 -20.60 -43.04
N LYS A 781 35.97 -19.42 -43.60
CA LYS A 781 37.29 -18.82 -43.53
C LYS A 781 37.29 -17.67 -42.52
N ASP A 782 38.22 -17.72 -41.56
CA ASP A 782 38.32 -16.66 -40.56
C ASP A 782 39.04 -15.46 -41.17
N THR A 783 39.36 -14.47 -40.33
CA THR A 783 39.92 -13.21 -40.81
C THR A 783 41.29 -13.38 -41.49
N GLU A 784 41.92 -14.53 -41.28
CA GLU A 784 43.20 -14.81 -41.94
C GLU A 784 43.01 -15.73 -43.14
N GLY A 785 41.76 -16.06 -43.44
CA GLY A 785 41.46 -16.89 -44.59
C GLY A 785 41.76 -18.37 -44.36
N TYR A 786 41.82 -18.76 -43.09
CA TYR A 786 42.06 -20.15 -42.73
C TYR A 786 40.74 -20.88 -42.50
N TYR A 787 40.69 -22.16 -42.86
CA TYR A 787 39.48 -22.95 -42.69
C TYR A 787 39.21 -23.27 -41.22
N THR A 788 38.09 -22.76 -40.73
CA THR A 788 37.75 -22.84 -39.32
C THR A 788 36.32 -23.37 -39.15
N ILE A 789 36.03 -23.99 -38.01
CA ILE A 789 34.68 -24.46 -37.74
C ILE A 789 34.39 -24.48 -36.24
N GLY A 790 33.13 -24.64 -35.87
CA GLY A 790 32.73 -24.68 -34.47
C GLY A 790 32.99 -23.34 -33.80
N ILE A 791 33.71 -23.38 -32.69
CA ILE A 791 34.10 -22.15 -32.00
C ILE A 791 35.58 -21.86 -32.22
N GLY A 792 35.87 -21.08 -33.26
CA GLY A 792 37.23 -20.68 -33.57
C GLY A 792 38.22 -21.82 -33.64
N HIS A 793 37.76 -22.99 -34.08
CA HIS A 793 38.62 -24.16 -34.15
C HIS A 793 39.30 -24.28 -35.50
N LEU A 794 40.60 -24.01 -35.53
CA LEU A 794 41.39 -24.11 -36.75
C LEU A 794 41.46 -25.54 -37.25
N LEU A 795 40.99 -25.77 -38.47
CA LEU A 795 41.05 -27.10 -39.08
C LEU A 795 42.40 -27.31 -39.77
N THR A 796 42.79 -26.33 -40.59
CA THR A 796 44.07 -26.38 -41.28
C THR A 796 44.41 -25.02 -41.89
N LYS A 797 45.70 -24.73 -41.98
CA LYS A 797 46.15 -23.50 -42.64
C LYS A 797 46.25 -23.72 -44.15
N SER A 798 45.96 -24.94 -44.58
CA SER A 798 45.97 -25.29 -46.00
C SER A 798 44.85 -24.59 -46.76
N PRO A 799 45.11 -24.23 -48.03
CA PRO A 799 44.13 -23.57 -48.88
C PRO A 799 43.08 -24.51 -49.47
N SER A 800 43.33 -25.82 -49.39
CA SER A 800 42.41 -26.80 -49.93
C SER A 800 41.22 -27.06 -49.00
N LEU A 801 40.02 -26.81 -49.50
CA LEU A 801 38.81 -27.04 -48.73
C LEU A 801 38.64 -28.52 -48.40
N ASN A 802 39.07 -29.38 -49.31
CA ASN A 802 38.96 -30.82 -49.11
C ASN A 802 40.00 -31.34 -48.12
N ALA A 803 41.12 -30.64 -48.01
CA ALA A 803 42.08 -30.92 -46.96
C ALA A 803 41.46 -30.58 -45.62
N ALA A 804 40.66 -29.50 -45.61
CA ALA A 804 39.92 -29.09 -44.43
C ALA A 804 38.82 -30.09 -44.10
N LYS A 805 38.11 -30.54 -45.12
CA LYS A 805 37.05 -31.53 -44.95
C LYS A 805 37.63 -32.84 -44.43
N SER A 806 38.86 -33.14 -44.84
CA SER A 806 39.56 -34.32 -44.36
C SER A 806 39.79 -34.25 -42.86
N GLU A 807 40.27 -33.09 -42.39
CA GLU A 807 40.53 -32.88 -40.98
C GLU A 807 39.25 -32.97 -40.15
N LEU A 808 38.19 -32.33 -40.64
CA LEU A 808 36.91 -32.33 -39.93
C LEU A 808 36.32 -33.74 -39.84
N ASP A 809 36.48 -34.52 -40.91
CA ASP A 809 36.02 -35.90 -40.92
C ASP A 809 36.83 -36.71 -39.93
N LYS A 810 38.10 -36.37 -39.84
CA LYS A 810 38.99 -37.03 -38.91
C LYS A 810 38.47 -36.71 -37.50
N ALA A 811 38.51 -35.42 -37.14
CA ALA A 811 38.12 -34.94 -35.81
C ALA A 811 36.75 -35.41 -35.30
N ILE A 812 35.74 -35.35 -36.17
CA ILE A 812 34.37 -35.69 -35.76
C ILE A 812 34.15 -37.20 -35.72
N GLY A 813 34.70 -37.90 -36.70
CA GLY A 813 34.60 -39.35 -36.73
C GLY A 813 33.62 -39.88 -37.77
N ARG A 814 33.14 -38.98 -38.62
CA ARG A 814 32.19 -39.34 -39.67
C ARG A 814 32.45 -38.50 -40.91
N ASN A 815 31.74 -38.81 -41.99
CA ASN A 815 31.76 -37.93 -43.16
C ASN A 815 30.83 -36.75 -42.91
N THR A 816 31.44 -35.57 -42.81
CA THR A 816 30.72 -34.39 -42.34
C THR A 816 30.26 -33.48 -43.48
N ASN A 817 30.88 -33.63 -44.64
CA ASN A 817 30.66 -32.75 -45.78
C ASN A 817 30.91 -31.28 -45.43
N GLY A 818 31.73 -31.06 -44.41
CA GLY A 818 32.02 -29.71 -43.95
C GLY A 818 30.98 -29.19 -42.97
N VAL A 819 30.10 -30.07 -42.50
CA VAL A 819 29.02 -29.67 -41.60
C VAL A 819 28.98 -30.53 -40.34
N ILE A 820 28.88 -29.88 -39.19
CA ILE A 820 28.76 -30.57 -37.91
C ILE A 820 27.53 -30.10 -37.14
N THR A 821 27.11 -30.89 -36.16
CA THR A 821 26.01 -30.51 -35.30
C THR A 821 26.51 -29.58 -34.19
N LYS A 822 25.59 -28.98 -33.44
CA LYS A 822 25.96 -28.11 -32.34
C LYS A 822 26.67 -28.89 -31.24
N ASP A 823 26.18 -30.10 -30.99
CA ASP A 823 26.77 -30.98 -29.99
C ASP A 823 28.22 -31.32 -30.33
N GLU A 824 28.49 -31.55 -31.61
CA GLU A 824 29.83 -31.88 -32.06
C GLU A 824 30.77 -30.68 -31.96
N ALA A 825 30.22 -29.49 -32.08
CA ALA A 825 31.00 -28.26 -31.94
C ALA A 825 31.44 -28.06 -30.49
N GLU A 826 30.55 -28.41 -29.57
CA GLU A 826 30.86 -28.35 -28.14
C GLU A 826 31.91 -29.39 -27.79
N LYS A 827 31.90 -30.50 -28.53
CA LYS A 827 32.88 -31.56 -28.35
C LYS A 827 34.27 -31.08 -28.73
N LEU A 828 34.38 -30.49 -29.92
CA LEU A 828 35.64 -29.92 -30.39
C LEU A 828 36.14 -28.85 -29.43
N PHE A 829 35.22 -28.02 -28.96
CA PHE A 829 35.56 -26.92 -28.07
C PHE A 829 36.10 -27.38 -26.73
N ASN A 830 35.45 -28.39 -26.15
CA ASN A 830 35.91 -28.95 -24.87
C ASN A 830 37.33 -29.47 -24.96
N GLN A 831 37.64 -30.15 -26.06
CA GLN A 831 39.00 -30.65 -26.30
C GLN A 831 39.99 -29.50 -26.36
N ASP A 832 39.60 -28.41 -27.04
CA ASP A 832 40.43 -27.22 -27.14
C ASP A 832 40.66 -26.59 -25.78
N VAL A 833 39.61 -26.55 -24.96
CA VAL A 833 39.72 -26.02 -23.61
C VAL A 833 40.69 -26.86 -22.77
N ASP A 834 40.53 -28.18 -22.87
CA ASP A 834 41.43 -29.10 -22.18
C ASP A 834 42.87 -28.88 -22.60
N ALA A 835 43.08 -28.68 -23.89
CA ALA A 835 44.42 -28.46 -24.44
C ALA A 835 45.04 -27.17 -23.90
N ALA A 836 44.21 -26.14 -23.73
CA ALA A 836 44.69 -24.84 -23.25
C ALA A 836 45.00 -24.88 -21.75
N VAL A 837 44.15 -25.56 -20.99
CA VAL A 837 44.38 -25.70 -19.56
C VAL A 837 45.67 -26.47 -19.29
N ARG A 838 45.89 -27.52 -20.08
CA ARG A 838 47.14 -28.28 -20.01
C ARG A 838 48.33 -27.36 -20.28
N GLY A 839 48.18 -26.49 -21.27
CA GLY A 839 49.22 -25.55 -21.62
C GLY A 839 49.44 -24.50 -20.54
N ILE A 840 48.34 -24.12 -19.88
CA ILE A 840 48.41 -23.16 -18.78
C ILE A 840 49.11 -23.76 -17.56
N LEU A 841 48.72 -24.98 -17.22
CA LEU A 841 49.31 -25.68 -16.07
C LEU A 841 50.76 -26.07 -16.33
N ARG A 842 51.23 -25.82 -17.55
CA ARG A 842 52.57 -26.17 -17.97
C ARG A 842 53.47 -24.93 -17.97
N ASN A 843 52.83 -23.77 -17.98
CA ASN A 843 53.52 -22.49 -17.97
C ASN A 843 53.73 -22.00 -16.53
N ALA A 844 54.97 -21.66 -16.20
CA ALA A 844 55.33 -21.26 -14.84
C ALA A 844 54.81 -19.87 -14.49
N LYS A 845 54.48 -19.08 -15.52
CA LYS A 845 54.02 -17.72 -15.31
C LYS A 845 52.50 -17.63 -15.21
N LEU A 846 51.83 -18.71 -15.60
CA LEU A 846 50.36 -18.72 -15.64
C LEU A 846 49.74 -19.64 -14.61
N LYS A 847 50.45 -20.71 -14.25
CA LYS A 847 49.91 -21.69 -13.30
C LYS A 847 49.56 -21.11 -11.91
N PRO A 848 50.42 -20.26 -11.33
CA PRO A 848 50.06 -19.74 -9.99
C PRO A 848 48.74 -18.97 -9.95
N VAL A 849 48.54 -18.04 -10.90
CA VAL A 849 47.32 -17.24 -10.90
C VAL A 849 46.10 -18.10 -11.24
N TYR A 850 46.29 -19.08 -12.13
CA TYR A 850 45.19 -19.96 -12.55
C TYR A 850 44.63 -20.76 -11.38
N ASP A 851 45.51 -21.27 -10.53
CA ASP A 851 45.09 -22.04 -9.35
C ASP A 851 44.40 -21.12 -8.34
N SER A 852 44.83 -19.86 -8.30
CA SER A 852 44.28 -18.88 -7.38
C SER A 852 42.83 -18.56 -7.67
N LEU A 853 42.43 -18.69 -8.94
CA LEU A 853 41.15 -18.17 -9.41
C LEU A 853 39.98 -19.14 -9.23
N ASP A 854 38.80 -18.57 -9.04
CA ASP A 854 37.56 -19.32 -9.04
C ASP A 854 37.26 -19.82 -10.45
N ALA A 855 36.28 -20.70 -10.58
CA ALA A 855 35.96 -21.33 -11.86
C ALA A 855 35.62 -20.31 -12.95
N VAL A 856 34.87 -19.28 -12.58
CA VAL A 856 34.46 -18.25 -13.54
C VAL A 856 35.65 -17.42 -14.03
N ARG A 857 36.46 -16.95 -13.09
CA ARG A 857 37.64 -16.16 -13.44
C ARG A 857 38.67 -17.00 -14.19
N ARG A 858 38.68 -18.31 -13.91
CA ARG A 858 39.54 -19.22 -14.66
C ARG A 858 39.15 -19.23 -16.13
N ALA A 859 37.85 -19.18 -16.39
CA ALA A 859 37.34 -19.13 -17.75
C ALA A 859 37.74 -17.83 -18.44
N ALA A 860 37.82 -16.76 -17.66
CA ALA A 860 38.23 -15.46 -18.18
C ALA A 860 39.69 -15.51 -18.65
N LEU A 861 40.51 -16.27 -17.92
CA LEU A 861 41.92 -16.40 -18.26
C LEU A 861 42.10 -17.30 -19.49
N ILE A 862 41.33 -18.40 -19.54
CA ILE A 862 41.36 -19.31 -20.67
C ILE A 862 40.94 -18.60 -21.94
N ASN A 863 40.01 -17.66 -21.80
CA ASN A 863 39.56 -16.83 -22.91
C ASN A 863 40.73 -16.03 -23.49
N MET A 864 41.51 -15.40 -22.61
CA MET A 864 42.67 -14.63 -23.03
C MET A 864 43.69 -15.51 -23.72
N VAL A 865 43.88 -16.71 -23.18
CA VAL A 865 44.81 -17.68 -23.74
C VAL A 865 44.36 -18.12 -25.14
N PHE A 866 43.06 -18.34 -25.29
CA PHE A 866 42.50 -18.68 -26.60
C PHE A 866 42.78 -17.59 -27.62
N GLN A 867 42.63 -16.34 -27.20
CA GLN A 867 42.75 -15.20 -28.10
C GLN A 867 44.19 -14.89 -28.48
N MET A 868 45.08 -14.77 -27.50
CA MET A 868 46.43 -14.28 -27.77
C MET A 868 47.54 -15.26 -27.40
N GLY A 869 47.17 -16.45 -26.91
CA GLY A 869 48.15 -17.45 -26.55
C GLY A 869 48.76 -17.22 -25.18
N GLU A 870 49.39 -18.25 -24.63
CA GLU A 870 49.99 -18.19 -23.31
C GLU A 870 51.07 -17.13 -23.22
N THR A 871 51.92 -17.07 -24.25
CA THR A 871 53.03 -16.14 -24.29
C THR A 871 52.54 -14.70 -24.24
N GLY A 872 51.40 -14.44 -24.86
CA GLY A 872 50.81 -13.11 -24.84
C GLY A 872 50.26 -12.76 -23.48
N VAL A 873 49.54 -13.72 -22.87
CA VAL A 873 48.92 -13.51 -21.56
C VAL A 873 49.98 -13.33 -20.47
N ALA A 874 51.07 -14.07 -20.58
CA ALA A 874 52.15 -14.00 -19.60
C ALA A 874 52.84 -12.63 -19.59
N GLY A 875 52.55 -11.82 -20.60
CA GLY A 875 53.09 -10.47 -20.67
C GLY A 875 52.42 -9.52 -19.71
N PHE A 876 51.27 -9.92 -19.17
CA PHE A 876 50.53 -9.10 -18.21
C PHE A 876 50.96 -9.42 -16.78
N THR A 877 52.27 -9.38 -16.54
CA THR A 877 52.86 -9.83 -15.27
C THR A 877 52.24 -9.21 -14.02
N ASN A 878 52.12 -7.89 -14.00
CA ASN A 878 51.57 -7.19 -12.85
C ASN A 878 50.08 -7.45 -12.68
N SER A 879 49.35 -7.41 -13.79
CA SER A 879 47.91 -7.67 -13.76
C SER A 879 47.61 -9.07 -13.26
N LEU A 880 48.45 -10.03 -13.65
CA LEU A 880 48.30 -11.41 -13.20
C LEU A 880 48.57 -11.52 -11.70
N ARG A 881 49.55 -10.75 -11.22
CA ARG A 881 49.87 -10.73 -9.81
C ARG A 881 48.70 -10.17 -9.00
N MET A 882 48.10 -9.10 -9.53
CA MET A 882 46.96 -8.46 -8.87
C MET A 882 45.76 -9.40 -8.77
N LEU A 883 45.51 -10.16 -9.85
CA LEU A 883 44.43 -11.15 -9.86
C LEU A 883 44.72 -12.25 -8.85
N GLN A 884 45.97 -12.67 -8.80
CA GLN A 884 46.43 -13.70 -7.88
C GLN A 884 46.23 -13.27 -6.43
N GLN A 885 46.33 -11.97 -6.19
CA GLN A 885 46.15 -11.41 -4.85
C GLN A 885 44.71 -10.94 -4.63
N LYS A 886 43.84 -11.30 -5.58
CA LYS A 886 42.42 -10.97 -5.52
C LYS A 886 42.15 -9.47 -5.44
N ARG A 887 43.08 -8.69 -5.97
CA ARG A 887 42.92 -7.24 -6.08
C ARG A 887 42.19 -6.93 -7.38
N TRP A 888 40.91 -7.29 -7.44
CA TRP A 888 40.13 -7.25 -8.68
C TRP A 888 40.06 -5.87 -9.32
N ASP A 889 39.77 -4.86 -8.52
CA ASP A 889 39.63 -3.50 -9.02
C ASP A 889 40.91 -3.01 -9.69
N GLU A 890 42.03 -3.17 -8.99
CA GLU A 890 43.33 -2.73 -9.51
C GLU A 890 43.72 -3.50 -10.76
N ALA A 891 43.37 -4.78 -10.79
CA ALA A 891 43.68 -5.63 -11.94
C ALA A 891 42.85 -5.23 -13.15
N ALA A 892 41.58 -4.95 -12.92
CA ALA A 892 40.67 -4.55 -13.98
C ALA A 892 41.11 -3.23 -14.62
N VAL A 893 41.52 -2.29 -13.78
CA VAL A 893 41.99 -0.98 -14.24
C VAL A 893 43.28 -1.12 -15.04
N ASN A 894 44.20 -1.95 -14.55
CA ASN A 894 45.49 -2.14 -15.19
C ASN A 894 45.36 -2.84 -16.55
N LEU A 895 44.44 -3.79 -16.63
CA LEU A 895 44.25 -4.57 -17.86
C LEU A 895 43.68 -3.73 -18.99
N ALA A 896 42.88 -2.73 -18.65
CA ALA A 896 42.25 -1.87 -19.65
C ALA A 896 43.26 -0.91 -20.29
N LYS A 897 44.44 -0.82 -19.68
CA LYS A 897 45.49 0.06 -20.18
C LYS A 897 46.43 -0.66 -21.13
N SER A 898 45.97 -1.79 -21.66
CA SER A 898 46.79 -2.61 -22.56
C SER A 898 46.45 -2.35 -24.01
N ARG A 899 47.32 -2.79 -24.91
CA ARG A 899 47.05 -2.69 -26.35
C ARG A 899 45.98 -3.71 -26.73
N TRP A 900 45.87 -4.77 -25.91
CA TRP A 900 44.81 -5.76 -26.03
C TRP A 900 43.45 -5.10 -25.96
N TYR A 901 43.30 -4.16 -25.03
CA TYR A 901 42.03 -3.47 -24.86
C TYR A 901 41.73 -2.54 -26.02
N ASN A 902 42.74 -1.87 -26.55
CA ASN A 902 42.53 -0.92 -27.64
C ASN A 902 42.19 -1.60 -28.96
N GLN A 903 42.83 -2.73 -29.23
CA GLN A 903 42.61 -3.46 -30.48
C GLN A 903 41.27 -4.20 -30.48
N THR A 904 40.88 -4.73 -29.33
CA THR A 904 39.60 -5.43 -29.21
C THR A 904 38.87 -5.04 -27.92
N PRO A 905 38.31 -3.82 -27.87
CA PRO A 905 37.69 -3.26 -26.66
C PRO A 905 36.47 -4.04 -26.17
N ASN A 906 35.61 -4.47 -27.08
CA ASN A 906 34.37 -5.13 -26.68
C ASN A 906 34.60 -6.46 -25.97
N ARG A 907 35.50 -7.27 -26.51
CA ARG A 907 35.82 -8.56 -25.89
C ARG A 907 36.64 -8.38 -24.63
N ALA A 908 37.58 -7.44 -24.67
CA ALA A 908 38.44 -7.15 -23.52
C ALA A 908 37.61 -6.66 -22.34
N LYS A 909 36.70 -5.72 -22.62
CA LYS A 909 35.83 -5.17 -21.58
C LYS A 909 34.98 -6.25 -20.95
N ARG A 910 34.54 -7.21 -21.77
CA ARG A 910 33.77 -8.35 -21.27
C ARG A 910 34.62 -9.21 -20.34
N VAL A 911 35.80 -9.59 -20.81
CA VAL A 911 36.71 -10.43 -20.04
C VAL A 911 37.15 -9.74 -18.75
N ILE A 912 37.53 -8.47 -18.87
CA ILE A 912 37.97 -7.69 -17.72
C ILE A 912 36.84 -7.56 -16.69
N THR A 913 35.62 -7.33 -17.16
CA THR A 913 34.45 -7.26 -16.29
C THR A 913 34.27 -8.57 -15.53
N THR A 914 34.47 -9.68 -16.24
CA THR A 914 34.38 -11.01 -15.64
C THR A 914 35.39 -11.17 -14.50
N PHE A 915 36.59 -10.62 -14.71
CA PHE A 915 37.62 -10.65 -13.68
C PHE A 915 37.23 -9.81 -12.47
N ARG A 916 36.57 -8.69 -12.72
CA ARG A 916 36.20 -7.77 -11.66
C ARG A 916 35.11 -8.31 -10.74
N THR A 917 34.08 -8.91 -11.32
CA THR A 917 32.90 -9.32 -10.56
C THR A 917 32.85 -10.82 -10.26
N GLY A 918 33.56 -11.61 -11.06
CA GLY A 918 33.57 -13.05 -10.88
C GLY A 918 32.26 -13.70 -11.29
N THR A 919 31.46 -12.99 -12.09
CA THR A 919 30.19 -13.52 -12.57
C THR A 919 30.14 -13.51 -14.10
N TRP A 920 29.11 -14.13 -14.66
CA TRP A 920 28.95 -14.21 -16.11
C TRP A 920 28.15 -13.03 -16.66
N ASP A 921 27.90 -12.05 -15.81
CA ASP A 921 26.96 -10.96 -16.10
C ASP A 921 27.21 -10.25 -17.43
N ALA A 922 28.48 -10.05 -17.77
CA ALA A 922 28.84 -9.33 -18.99
C ALA A 922 28.54 -10.13 -20.25
N TYR A 923 28.17 -11.40 -20.09
CA TYR A 923 27.90 -12.27 -21.23
C TYR A 923 26.43 -12.67 -21.33
N GLU A 924 25.76 -12.76 -20.18
CA GLU A 924 24.34 -13.13 -20.14
C GLU A 924 23.48 -12.04 -20.78
N PHE A 925 24.00 -10.82 -20.81
CA PHE A 925 23.34 -9.70 -21.47
C PHE A 925 24.43 -8.82 -22.10
N HIS A 926 24.41 -8.67 -23.42
CA HIS A 926 25.52 -8.02 -24.10
C HIS A 926 25.22 -7.40 -25.46
N LEU A 927 26.18 -6.63 -25.95
CA LEU A 927 26.08 -5.98 -27.24
C LEU A 927 26.37 -7.09 -28.22
N GLY A 928 25.29 -7.61 -28.78
CA GLY A 928 25.36 -8.71 -29.73
C GLY A 928 26.24 -8.35 -30.88
N GLY A 929 26.51 -9.38 -31.68
CA GLY A 929 27.21 -9.30 -32.95
C GLY A 929 28.68 -9.24 -33.26
N ILE A 930 29.41 -10.33 -33.11
CA ILE A 930 30.79 -10.25 -33.49
C ILE A 930 30.75 -10.37 -35.00
N LYS A 931 31.53 -9.56 -35.68
CA LYS A 931 31.51 -9.58 -37.11
C LYS A 931 32.78 -10.18 -37.64
N ALA A 932 33.84 -10.01 -36.89
CA ALA A 932 35.14 -10.54 -37.27
C ALA A 932 35.46 -11.83 -36.50
N PHE A 933 35.50 -12.95 -37.23
CA PHE A 933 35.81 -14.25 -36.65
C PHE A 933 37.27 -14.61 -36.83
N HIS A 934 37.93 -15.00 -35.74
CA HIS A 934 39.33 -15.43 -35.81
C HIS A 934 39.58 -16.67 -34.97
N HIS A 935 40.23 -17.67 -35.57
CA HIS A 935 40.50 -18.93 -34.90
C HIS A 935 41.40 -18.73 -33.68
N HIS A 936 41.19 -19.55 -32.65
CA HIS A 936 41.93 -19.38 -31.41
C HIS A 936 43.18 -20.25 -31.36
N HIS A 937 44.06 -19.95 -30.42
CA HIS A 937 45.20 -20.81 -30.13
C HIS A 937 44.69 -22.10 -29.50
N HIS A 938 45.56 -23.09 -29.42
CA HIS A 938 45.22 -24.40 -28.87
C HIS A 938 44.08 -25.08 -29.62
N HIS A 939 44.09 -24.94 -30.94
CA HIS A 939 43.24 -25.75 -31.79
C HIS A 939 43.71 -27.20 -31.66
N HIS A 940 42.96 -28.01 -30.92
CA HIS A 940 43.39 -29.37 -30.61
C HIS A 940 43.00 -30.35 -31.69
N HIS A 941 43.96 -31.15 -32.14
CA HIS A 941 43.72 -32.16 -33.15
C HIS A 941 43.93 -33.55 -32.58
N HIS A 942 43.08 -34.48 -32.97
CA HIS A 942 43.19 -35.85 -32.47
C HIS A 942 44.08 -36.67 -33.39
C10 9ZF B . 8.41 -3.11 2.78
C16 9ZF B . 2.19 -3.13 3.44
C17 9ZF B . 1.02 -2.48 3.85
C15 9ZF B . 3.42 -2.50 3.56
C12 9ZF B . 5.98 -2.73 3.19
C18 9ZF B . 1.08 -1.19 4.36
C20 9ZF B . 3.47 -1.19 4.07
C19 9ZF B . 2.32 -0.55 4.48
C01 9ZF B . 10.97 -4.58 1.08
C02 9ZF B . 9.47 -5.01 1.02
C03 9ZF B . 8.52 -3.86 0.65
C04 9ZF B . 8.84 -2.55 1.44
C05 9ZF B . 10.27 -2.18 1.36
C06 9ZF B . 11.17 -3.25 1.84
C07 9ZF B . 10.79 -3.83 3.19
C08 9ZF B . 9.34 -4.25 3.24
C09 9ZF B . 9.08 -5.36 2.42
N11 9ZF B . 7.03 -3.58 2.71
O13 9ZF B . 6.27 -1.63 3.64
N14 9ZF B . 4.60 -3.20 3.12
F21 9ZF B . -0.04 -0.56 4.75
F22 9ZF B . -0.17 -3.10 3.73
F23 9ZF B . 2.11 -4.37 2.94
C1 L6T C . -30.70 10.46 5.90
C2 L6T C . -32.14 10.88 5.96
C3 L6T C . -32.26 12.28 5.64
C4 L6T C . -31.58 13.07 6.63
C5 L6T C . -30.13 12.69 6.59
C6 L6T C . -29.31 13.52 7.50
CAA L6T C . -28.98 10.38 4.27
CAO L6T C . -29.74 8.46 2.90
CAP L6T C . -29.51 7.12 2.66
CAR L6T C . -29.30 9.24 1.70
CAT L6T C . -29.47 10.66 1.94
CAV L6T C . -28.67 11.09 3.05
CAX L6T C . -26.89 13.61 7.25
CAY L6T C . -25.61 12.82 7.63
CAZ L6T C . -24.33 13.67 7.91
CBA L6T C . -23.45 13.06 9.00
CBB L6T C . -21.97 13.57 9.06
CBC L6T C . -20.94 12.49 8.68
CBD L6T C . -19.54 13.06 8.39
CBE L6T C . -18.41 11.99 8.38
CBF L6T C . -16.99 12.56 8.32
CBG L6T C . -16.15 11.91 7.20
CBH L6T C . -14.62 12.20 7.27
CBI L6T C . -14.01 12.37 5.92
O1 L6T C . -30.31 10.75 4.60
O2 L6T C . -32.86 10.18 4.94
O3 L6T C . -33.66 12.63 5.69
O4 L6T C . -31.67 14.42 6.18
O5 L6T C . -29.96 11.28 6.86
O6 L6T C . -28.03 12.89 7.68
OAN L6T C . -28.93 8.94 4.08
OAQ L6T C . -28.16 6.96 2.34
OAS L6T C . -30.18 8.87 0.67
OAU L6T C . -28.98 11.33 0.74
OAW L6T C . -28.90 12.51 3.24
C1 L6T D . -41.69 24.49 12.49
C2 L6T D . -42.72 23.41 12.26
C3 L6T D . -43.30 22.91 13.50
C4 L6T D . -42.26 22.62 14.50
C5 L6T D . -41.28 23.74 14.73
C6 L6T D . -39.92 23.28 14.32
CAA L6T D . -43.06 26.32 12.10
CAO L6T D . -44.34 27.34 13.82
CAP L6T D . -45.05 26.11 13.81
CAR L6T D . -44.99 28.23 12.76
CAT L6T D . -44.88 27.75 11.37
CAV L6T D . -43.62 27.11 11.01
CAX L6T D . -37.84 23.23 15.50
CAY L6T D . -37.04 21.98 15.07
CAZ L6T D . -35.58 21.97 15.56
CBA L6T D . -35.07 20.56 15.71
CBB L6T D . -33.63 20.52 16.25
CBC L6T D . -32.97 19.16 16.07
CBD L6T D . -31.48 19.25 16.43
CBE L6T D . -30.69 17.99 15.97
CBF L6T D . -29.34 17.87 16.71
CBG L6T D . -28.17 17.61 15.77
CBH L6T D . -27.74 16.12 15.69
CBI L6T D . -26.30 15.90 15.38
O1 L6T D . -41.86 25.63 11.70
O2 L6T D . -43.77 23.84 11.38
O3 L6T D . -43.97 21.67 13.18
O4 L6T D . -42.94 22.33 15.73
O5 L6T D . -41.60 24.88 13.89
O6 L6T D . -39.22 22.87 15.49
OAN L6T D . -42.92 27.10 13.32
OAQ L6T D . -45.22 25.61 15.12
OAS L6T D . -44.46 29.54 12.86
OAU L6T D . -45.93 26.76 11.15
OAW L6T D . -42.64 28.11 10.58
C1 L6T E . 8.61 -12.78 -7.33
C2 L6T E . 7.97 -14.10 -7.73
C3 L6T E . 8.58 -14.65 -8.96
C4 L6T E . 8.41 -13.73 -10.11
C5 L6T E . 8.09 -12.32 -9.68
C6 L6T E . 6.61 -12.20 -9.38
CAA L6T E . 10.26 -11.86 -5.96
CAO L6T E . 11.36 -12.48 -3.81
CAP L6T E . 12.11 -11.32 -3.50
CAR L6T E . 12.17 -13.39 -4.75
CAT L6T E . 12.54 -12.71 -6.00
CAV L6T E . 11.66 -11.58 -6.31
CAX L6T E . 5.92 -10.68 -11.12
CAY L6T E . 4.39 -10.49 -11.30
CAZ L6T E . 4.05 -9.74 -12.62
CBA L6T E . 2.57 -9.47 -12.77
CBB L6T E . 2.27 -7.97 -13.07
CBC L6T E . 0.78 -7.72 -13.36
CBD L6T E . 0.57 -6.79 -14.58
CBE L6T E . -0.05 -7.54 -15.81
CBF L6T E . -1.03 -6.64 -16.61
CBG L6T E . -0.33 -5.91 -17.78
CBH L6T E . -1.32 -5.59 -18.95
CBI L6T E . -1.69 -4.13 -19.00
O1 L6T E . 9.83 -13.04 -6.69
O2 L6T E . 8.14 -15.06 -6.65
O3 L6T E . 7.93 -15.92 -9.27
O4 L6T E . 9.63 -13.72 -10.87
O5 L6T E . 8.85 -11.90 -8.49
O6 L6T E . 6.18 -10.87 -9.72
OAN L6T E . 10.07 -12.08 -4.53
OAQ L6T E . 11.66 -10.80 -2.27
OAS L6T E . 11.36 -14.53 -5.07
OAU L6T E . 13.92 -12.20 -5.87
OAW L6T E . 11.75 -11.30 -7.75
C1 L6T F . -1.51 6.31 32.59
C2 L6T F . -2.03 7.72 32.46
C3 L6T F . -2.41 8.04 31.07
C4 L6T F . -1.31 7.76 30.12
C5 L6T F . -0.79 6.34 30.26
C6 L6T F . 0.44 6.19 29.38
CAA L6T F . -3.31 5.19 33.57
CAO L6T F . -4.78 3.69 32.23
CAP L6T F . -6.03 3.05 32.31
CAR L6T F . -3.64 2.70 32.57
CAT L6T F . -3.16 2.78 33.96
CAV L6T F . -2.71 4.11 34.36
CAX L6T F . -0.46 3.97 29.04
CAY L6T F . -1.02 4.27 27.62
CAZ L6T F . -0.84 3.07 26.65
CBA L6T F . 0.10 3.38 25.51
CBB L6T F . -0.10 4.83 24.97
CBC L6T F . 0.84 5.15 23.79
CBD L6T F . 1.50 6.55 23.92
CBE L6T F . 2.41 6.90 22.69
CBF L6T F . 2.51 8.42 22.47
CBG L6T F . 2.89 8.77 21.00
CBH L6T F . 3.57 7.57 20.27
CBI L6T F . 3.88 7.88 18.83
O1 L6T F . -2.56 5.41 32.35
O2 L6T F . -3.20 7.88 33.31
O3 L6T F . -2.77 9.45 30.98
O4 L6T F . -1.79 7.94 28.78
O5 L6T F . -0.41 6.03 31.65
O6 L6T F . 0.71 4.77 29.24
OAN L6T F . -4.69 4.87 33.21
OAQ L6T F . -6.41 2.91 33.67
OAS L6T F . -2.54 2.94 31.68
OAU L6T F . -4.23 2.35 34.87
OAW L6T F . -1.23 4.17 34.27
C1 L6T G . -1.15 19.29 20.09
C2 L6T G . -1.61 20.37 19.12
C3 L6T G . -1.05 20.18 17.78
C4 L6T G . 0.14 19.29 17.79
C5 L6T G . -0.18 17.90 18.31
C6 L6T G . 1.10 17.23 18.73
CAA L6T G . -3.18 18.49 20.99
CAO L6T G . -4.28 16.31 21.53
CAP L6T G . -4.51 15.96 20.18
CAR L6T G . -5.46 17.12 22.07
CAT L6T G . -5.58 18.45 21.43
CAV L6T G . -4.34 19.23 21.50
CAX L6T G . 3.16 16.44 17.78
CAY L6T G . 4.01 16.53 16.49
CAZ L6T G . 4.94 15.30 16.31
CBA L6T G . 4.59 14.50 15.06
CBB L6T G . 5.79 13.68 14.53
CBC L6T G . 5.53 12.15 14.55
CBD L6T G . 6.40 11.41 15.59
CBE L6T G . 7.07 10.12 15.01
CBF L6T G . 6.88 8.90 15.92
CBG L6T G . 7.83 7.74 15.55
CBH L6T G . 7.56 6.45 16.39
CBI L6T G . 8.72 5.49 16.38
O1 L6T G . -1.99 19.27 21.23
O2 L6T G . -3.06 20.35 19.03
O3 L6T G . -0.66 21.48 17.24
O4 L6T G . 0.64 19.16 16.45
O5 L6T G . -1.09 17.96 19.47
O6 L6T G . 2.04 17.30 17.63
OAN L6T G . -3.02 17.18 21.64
OAQ L6T G . -3.31 15.45 19.64
OAS L6T G . -5.28 17.32 23.48
OAU L6T G . -5.93 18.26 20.01
OAW L6T G . -4.09 19.59 22.91
N1 MHA H . 36.22 -8.36 -31.89
C1 MHA H . 37.30 -9.28 -31.71
C2 MHA H . 36.82 -10.56 -31.05
O1 MHA H . 35.57 -10.74 -30.86
O2 MHA H . 37.64 -11.43 -30.70
C3 MHA H . 36.68 -7.00 -31.69
C4 MHA H . 36.26 -6.51 -30.33
O3 MHA H . 35.85 -7.31 -29.46
O4 MHA H . 36.32 -5.28 -30.06
C5 MHA H . 35.71 -8.49 -33.23
C6 MHA H . 34.21 -8.28 -33.25
O5 MHA H . 33.61 -8.30 -34.31
N2 MHA H . 33.50 -8.07 -32.03
N1 MHA I . 52.20 -4.48 -17.10
C1 MHA I . 53.08 -5.28 -17.92
C2 MHA I . 54.06 -6.03 -17.05
O1 MHA I . 53.72 -6.38 -15.87
O2 MHA I . 55.20 -6.31 -17.48
C3 MHA I . 52.78 -3.14 -16.96
C4 MHA I . 52.24 -2.48 -15.71
O3 MHA I . 51.78 -3.17 -14.78
O4 MHA I . 52.23 -1.23 -15.62
C5 MHA I . 50.92 -4.38 -17.72
C6 MHA I . 49.97 -5.41 -17.12
O5 MHA I . 50.38 -6.22 -16.32
N2 MHA I . 48.60 -5.39 -17.48
N1 MHA J . -6.81 6.32 31.71
C1 MHA J . -8.23 6.04 31.47
C2 MHA J . -8.58 4.86 32.32
O1 MHA J . -9.44 4.07 31.92
O2 MHA J . -8.00 4.70 33.41
C3 MHA J . -6.00 5.92 30.55
C4 MHA J . -5.35 7.08 29.87
O3 MHA J . -6.08 7.99 29.45
O4 MHA J . -4.12 7.10 29.71
C5 MHA J . -6.69 7.73 32.08
C6 MHA J . -6.22 7.78 33.50
O5 MHA J . -5.09 7.47 33.78
N2 MHA J . -7.09 8.18 34.41
#